data_3E30
#
_entry.id   3E30
#
_cell.length_a   173.307
_cell.length_b   173.307
_cell.length_c   70.147
_cell.angle_alpha   90.00
_cell.angle_beta   90.00
_cell.angle_gamma   120.00
#
_symmetry.space_group_name_H-M   'P 61'
#
loop_
_entity.id
_entity.type
_entity.pdbx_description
1 polymer 'Protein farnesyltransferase/geranylgeranyltransferase type-1 subunit alpha'
2 polymer 'Protein farnesyltransferase subunit beta'
3 non-polymer 'ZINC ION'
4 non-polymer 'FARNESYL DIPHOSPHATE'
5 non-polymer 'tert-butyl 4-({(2-{(4-cyanophenyl)[(1-methyl-1H-imidazol-5-yl)methyl]amino}ethyl)[(1-methyl-1H-imidazol-4-yl)sulfonyl]amino}methyl)piperidine-1-carboxylate'
6 water water
#
loop_
_entity_poly.entity_id
_entity_poly.type
_entity_poly.pdbx_seq_one_letter_code
_entity_poly.pdbx_strand_id
1 'polypeptide(L)'
;MAATEGVGESAPGGEPGQPEQPPPPPPPPPAQQPQEEEMAAEAGEAAASPMDDGFLSLDSPTYVLYRDRAEWADIDPVPQ
NDGPSPVVQIIYSEKFRDVYDYFRAVLQRDERSERAFKLTRDAIELNAANYTVWHFRRVLLRSLQKDLQEEMNYIIAIIE
EQPKNYQVWHHRRVLVEWLKDPSQELEFIADILNQDAKNYHAWQHRQWVIQEFRLWDNELQYVDQLLKEDVRNNSVWNQR
HFVISNTTGYSDRAVLEREVQYTLEMIKLVPHNESAWNYLKGILQDRGLSRYPNLLNQLLDLQPSHSSPYLIAFLVDIYE
DMLENQCDNKEDILNKALELCEILAKEKDTIRKEYWRYIGRSLQSKHSRESDIPASV
;
A
2 'polypeptide(L)'
;MASSSSFTYYCPPSSSPVWSEPLYSLRPEHARERLQDDSVETVTSIEQAKVEEKIQEVFSSYKFNHLVPRLVLQREKHFH
YLKRGLRQLTDAYECLDASRPWLCYWILHSLELLDEPIPQIVATDVCQFLELCQSPDGGFGGGPGQYPHLAPTYAAVNAL
CIIGTEEAYNVINREKLLQYLYSLKQPDGSFLMHVGGEVDVRSAYCAASVASLTNIITPDLFEGTAEWIARCQNWEGGIG
GVPGMEAHGGYTFCGLAALVILKKERSLNLKSLLQWVTSRQMRFEGGFQGRCNKLVDGCYSFWQAGLLPLLHRALHAQGD
PALSMSHWMFHQQALQEYILMCCQCPAGGLLDKPGKSRDFYHTCYCLSGLSIAQHFGSGAMLHDVVMGVPENVLQPTHPV
YNIGPDKVIQATTHFLQKPVPGFEECEDAVTSDPATD
;
B
#
# COMPACT_ATOMS: atom_id res chain seq x y z
N PHE A 55 -33.60 -15.02 -9.58
CA PHE A 55 -34.95 -14.70 -10.15
C PHE A 55 -34.90 -13.58 -11.17
N LEU A 56 -34.91 -12.34 -10.71
CA LEU A 56 -34.87 -11.21 -11.63
C LEU A 56 -33.53 -10.50 -11.59
N SER A 57 -32.64 -10.87 -12.50
CA SER A 57 -31.30 -10.29 -12.58
C SER A 57 -31.30 -8.77 -12.73
N LEU A 58 -30.29 -8.14 -12.15
CA LEU A 58 -30.17 -6.69 -12.08
C LEU A 58 -29.96 -6.07 -13.47
N ASP A 59 -29.58 -6.90 -14.44
CA ASP A 59 -29.32 -6.42 -15.80
C ASP A 59 -30.28 -7.00 -16.84
N SER A 60 -31.23 -7.79 -16.38
CA SER A 60 -32.31 -8.29 -17.23
C SER A 60 -33.06 -7.14 -17.92
N PRO A 61 -33.44 -7.33 -19.20
CA PRO A 61 -34.18 -6.26 -19.87
C PRO A 61 -35.56 -6.03 -19.26
N THR A 62 -36.09 -7.03 -18.55
CA THR A 62 -37.41 -6.92 -17.93
C THR A 62 -37.36 -6.64 -16.42
N TYR A 63 -36.24 -6.07 -15.97
CA TYR A 63 -36.07 -5.73 -14.57
C TYR A 63 -37.02 -4.60 -14.20
N VAL A 64 -37.52 -4.62 -12.97
CA VAL A 64 -38.48 -3.62 -12.51
C VAL A 64 -38.06 -3.04 -11.15
N LEU A 65 -38.22 -1.73 -10.95
CA LEU A 65 -37.85 -1.13 -9.66
C LEU A 65 -38.65 -1.78 -8.55
N TYR A 66 -38.10 -1.78 -7.34
CA TYR A 66 -38.79 -2.37 -6.18
C TYR A 66 -40.08 -1.61 -5.84
N ARG A 67 -40.10 -0.30 -6.03
CA ARG A 67 -41.32 0.44 -5.72
C ARG A 67 -42.46 0.08 -6.68
N ASP A 68 -42.17 -0.69 -7.72
CA ASP A 68 -43.21 -1.13 -8.65
C ASP A 68 -43.52 -2.61 -8.56
N ARG A 69 -43.00 -3.29 -7.54
CA ARG A 69 -43.23 -4.72 -7.38
C ARG A 69 -44.33 -4.98 -6.36
N ALA A 70 -45.34 -5.76 -6.76
CA ALA A 70 -46.51 -6.02 -5.93
C ALA A 70 -46.14 -6.64 -4.58
N GLU A 71 -45.30 -7.67 -4.62
CA GLU A 71 -44.91 -8.41 -3.42
C GLU A 71 -44.07 -7.60 -2.41
N TRP A 72 -43.84 -6.32 -2.69
CA TRP A 72 -43.13 -5.42 -1.78
C TRP A 72 -44.04 -4.27 -1.36
N ALA A 73 -45.32 -4.37 -1.72
CA ALA A 73 -46.27 -3.28 -1.47
C ALA A 73 -46.49 -2.93 0.02
N ASP A 74 -46.27 -3.90 0.91
CA ASP A 74 -46.49 -3.68 2.35
C ASP A 74 -45.40 -2.85 3.03
N ILE A 75 -44.20 -2.82 2.45
CA ILE A 75 -43.06 -2.12 3.04
C ILE A 75 -42.96 -0.68 2.61
N ASP A 76 -42.76 0.21 3.57
CA ASP A 76 -42.37 1.60 3.29
C ASP A 76 -40.85 1.70 3.11
N PRO A 77 -40.41 2.26 1.97
CA PRO A 77 -38.97 2.41 1.79
C PRO A 77 -38.41 3.42 2.79
N VAL A 78 -37.12 3.33 3.08
CA VAL A 78 -36.47 4.23 4.04
C VAL A 78 -35.33 5.02 3.39
N PRO A 79 -35.58 6.31 3.09
CA PRO A 79 -34.63 7.21 2.45
C PRO A 79 -33.36 7.45 3.26
N GLN A 80 -32.25 7.67 2.58
CA GLN A 80 -30.99 7.92 3.26
C GLN A 80 -31.02 9.25 4.00
N ASN A 81 -30.52 9.23 5.24
CA ASN A 81 -30.49 10.44 6.04
C ASN A 81 -29.16 11.16 5.93
N ASP A 82 -29.04 12.05 4.95
CA ASP A 82 -27.77 12.76 4.72
C ASP A 82 -27.70 14.10 5.43
N GLY A 83 -28.78 14.50 6.10
CA GLY A 83 -28.82 15.78 6.81
C GLY A 83 -29.40 16.93 5.98
N PRO A 84 -29.44 18.13 6.56
CA PRO A 84 -29.98 19.32 5.90
C PRO A 84 -29.11 19.92 4.80
N SER A 85 -27.78 19.83 4.93
CA SER A 85 -26.88 20.28 3.86
C SER A 85 -25.68 19.34 3.67
N PRO A 86 -25.83 18.40 2.74
CA PRO A 86 -24.93 17.26 2.55
C PRO A 86 -23.51 17.63 2.11
N VAL A 87 -22.56 16.75 2.41
CA VAL A 87 -21.23 16.80 1.80
C VAL A 87 -20.95 15.49 1.08
N VAL A 88 -19.98 15.51 0.17
CA VAL A 88 -19.66 14.34 -0.63
C VAL A 88 -20.93 13.54 -0.97
N GLN A 89 -21.97 14.25 -1.37
CA GLN A 89 -23.25 13.64 -1.68
C GLN A 89 -23.23 13.07 -3.09
N ILE A 90 -23.61 11.81 -3.22
CA ILE A 90 -23.52 11.11 -4.49
C ILE A 90 -24.85 11.13 -5.23
N ILE A 91 -24.84 11.55 -6.48
CA ILE A 91 -26.08 11.56 -7.25
C ILE A 91 -26.35 10.16 -7.78
N TYR A 92 -27.00 9.34 -6.95
CA TYR A 92 -27.33 7.98 -7.32
C TYR A 92 -28.27 7.90 -8.51
N SER A 93 -28.13 6.82 -9.29
CA SER A 93 -29.09 6.54 -10.33
C SER A 93 -30.39 6.04 -9.70
N GLU A 94 -31.45 5.93 -10.49
CA GLU A 94 -32.72 5.40 -10.02
C GLU A 94 -32.62 3.98 -9.47
N LYS A 95 -32.05 3.08 -10.26
CA LYS A 95 -31.95 1.69 -9.84
C LYS A 95 -31.30 1.58 -8.47
N PHE A 96 -30.20 2.31 -8.29
CA PHE A 96 -29.40 2.26 -7.08
C PHE A 96 -30.20 2.74 -5.87
N ARG A 97 -30.68 3.97 -5.93
CA ARG A 97 -31.40 4.57 -4.82
C ARG A 97 -32.63 3.73 -4.42
N ASP A 98 -33.30 3.14 -5.41
CA ASP A 98 -34.46 2.31 -5.16
C ASP A 98 -34.10 1.02 -4.40
N VAL A 99 -33.03 0.35 -4.81
CA VAL A 99 -32.59 -0.87 -4.10
C VAL A 99 -32.17 -0.57 -2.65
N TYR A 100 -31.44 0.51 -2.45
CA TYR A 100 -30.91 0.80 -1.12
C TYR A 100 -31.94 1.37 -0.15
N ASP A 101 -32.96 2.05 -0.68
CA ASP A 101 -34.07 2.55 0.13
C ASP A 101 -34.83 1.36 0.70
N TYR A 102 -34.91 0.28 -0.07
CA TYR A 102 -35.59 -0.92 0.39
C TYR A 102 -34.68 -1.77 1.27
N PHE A 103 -33.37 -1.73 1.01
CA PHE A 103 -32.45 -2.44 1.88
C PHE A 103 -32.49 -1.86 3.29
N ARG A 104 -32.50 -0.53 3.38
CA ARG A 104 -32.55 0.14 4.68
C ARG A 104 -33.81 -0.24 5.42
N ALA A 105 -34.90 -0.44 4.69
CA ALA A 105 -36.15 -0.80 5.33
C ALA A 105 -36.05 -2.17 5.97
N VAL A 106 -35.53 -3.16 5.25
CA VAL A 106 -35.45 -4.52 5.83
C VAL A 106 -34.40 -4.61 6.93
N LEU A 107 -33.29 -3.89 6.78
CA LEU A 107 -32.27 -3.86 7.80
C LEU A 107 -32.85 -3.30 9.08
N GLN A 108 -33.55 -2.17 8.94
CA GLN A 108 -34.10 -1.44 10.08
C GLN A 108 -35.08 -2.30 10.87
N ARG A 109 -35.86 -3.12 10.17
CA ARG A 109 -36.86 -3.97 10.82
C ARG A 109 -36.30 -5.33 11.15
N ASP A 110 -35.02 -5.54 10.87
CA ASP A 110 -34.44 -6.88 11.02
C ASP A 110 -35.38 -7.94 10.45
N GLU A 111 -35.85 -7.74 9.22
CA GLU A 111 -36.69 -8.74 8.57
C GLU A 111 -35.86 -9.86 7.94
N ARG A 112 -36.05 -11.06 8.44
CA ARG A 112 -35.26 -12.20 8.01
C ARG A 112 -36.08 -13.11 7.12
N SER A 113 -36.28 -12.68 5.88
CA SER A 113 -37.17 -13.34 4.95
C SER A 113 -36.45 -13.70 3.66
N GLU A 114 -37.05 -14.63 2.94
CA GLU A 114 -36.60 -15.01 1.61
C GLU A 114 -36.46 -13.79 0.71
N ARG A 115 -37.45 -12.90 0.74
CA ARG A 115 -37.42 -11.71 -0.12
C ARG A 115 -36.27 -10.75 0.22
N ALA A 116 -35.93 -10.63 1.51
CA ALA A 116 -34.79 -9.77 1.88
C ALA A 116 -33.48 -10.41 1.40
N PHE A 117 -33.40 -11.73 1.50
CA PHE A 117 -32.24 -12.46 1.00
C PHE A 117 -31.96 -12.15 -0.48
N LYS A 118 -32.99 -12.19 -1.31
CA LYS A 118 -32.85 -11.90 -2.74
C LYS A 118 -32.49 -10.44 -2.97
N LEU A 119 -32.98 -9.56 -2.12
CA LEU A 119 -32.65 -8.15 -2.21
C LEU A 119 -31.15 -7.87 -1.96
N THR A 120 -30.52 -8.61 -1.06
CA THR A 120 -29.11 -8.38 -0.76
C THR A 120 -28.24 -8.68 -1.98
N ARG A 121 -28.68 -9.63 -2.79
CA ARG A 121 -27.96 -9.96 -4.01
C ARG A 121 -27.86 -8.72 -4.91
N ASP A 122 -28.96 -7.97 -5.03
CA ASP A 122 -28.95 -6.76 -5.89
C ASP A 122 -28.14 -5.64 -5.24
N ALA A 123 -28.21 -5.53 -3.92
CA ALA A 123 -27.50 -4.47 -3.23
C ALA A 123 -25.99 -4.67 -3.36
N ILE A 124 -25.58 -5.94 -3.31
CA ILE A 124 -24.18 -6.28 -3.46
C ILE A 124 -23.71 -5.97 -4.87
N GLU A 125 -24.50 -6.39 -5.85
CA GLU A 125 -24.13 -6.19 -7.23
C GLU A 125 -24.00 -4.70 -7.61
N LEU A 126 -24.77 -3.84 -6.97
CA LEU A 126 -24.65 -2.39 -7.19
C LEU A 126 -23.39 -1.80 -6.54
N ASN A 127 -22.96 -2.42 -5.43
CA ASN A 127 -21.74 -2.01 -4.72
C ASN A 127 -21.21 -3.13 -3.82
N ALA A 128 -20.33 -3.96 -4.38
CA ALA A 128 -19.83 -5.15 -3.69
C ALA A 128 -18.93 -4.79 -2.50
N ALA A 129 -18.65 -3.51 -2.34
CA ALA A 129 -17.81 -3.07 -1.22
C ALA A 129 -18.64 -2.75 0.02
N ASN A 130 -19.96 -2.85 -0.08
CA ASN A 130 -20.82 -2.57 1.06
C ASN A 130 -20.84 -3.70 2.13
N TYR A 131 -19.91 -3.62 3.06
CA TYR A 131 -19.73 -4.66 4.09
C TYR A 131 -20.95 -4.81 5.02
N THR A 132 -21.70 -3.73 5.22
CA THR A 132 -22.95 -3.81 5.99
C THR A 132 -23.96 -4.76 5.34
N VAL A 133 -24.12 -4.68 4.03
CA VAL A 133 -25.01 -5.58 3.32
C VAL A 133 -24.52 -7.02 3.43
N TRP A 134 -23.22 -7.23 3.24
CA TRP A 134 -22.60 -8.54 3.39
C TRP A 134 -22.88 -9.18 4.77
N HIS A 135 -22.81 -8.36 5.82
CA HIS A 135 -23.10 -8.84 7.17
C HIS A 135 -24.56 -9.32 7.31
N PHE A 136 -25.49 -8.53 6.82
CA PHE A 136 -26.91 -8.90 6.83
C PHE A 136 -27.12 -10.19 6.05
N ARG A 137 -26.50 -10.29 4.86
CA ARG A 137 -26.63 -11.51 4.06
C ARG A 137 -26.18 -12.74 4.85
N ARG A 138 -25.08 -12.64 5.59
CA ARG A 138 -24.64 -13.80 6.37
C ARG A 138 -25.60 -14.14 7.51
N VAL A 139 -26.23 -13.13 8.09
CA VAL A 139 -27.28 -13.37 9.08
C VAL A 139 -28.41 -14.22 8.47
N LEU A 140 -28.84 -13.87 7.27
CA LEU A 140 -29.94 -14.58 6.59
C LEU A 140 -29.54 -15.98 6.15
N LEU A 141 -28.27 -16.18 5.77
CA LEU A 141 -27.83 -17.51 5.42
C LEU A 141 -28.07 -18.47 6.58
N ARG A 142 -27.63 -18.09 7.78
CA ARG A 142 -27.76 -18.95 8.96
C ARG A 142 -29.22 -19.03 9.39
N SER A 143 -29.82 -17.87 9.60
CA SER A 143 -31.17 -17.78 10.13
C SER A 143 -32.27 -18.39 9.25
N LEU A 144 -32.12 -18.34 7.93
CA LEU A 144 -33.06 -19.02 7.02
C LEU A 144 -32.62 -20.45 6.67
N GLN A 145 -31.45 -20.85 7.13
CA GLN A 145 -30.96 -22.20 6.87
C GLN A 145 -30.76 -22.48 5.38
N LYS A 146 -30.03 -21.59 4.70
CA LYS A 146 -29.84 -21.70 3.26
C LYS A 146 -28.75 -22.69 2.91
N ASP A 147 -28.97 -23.43 1.82
CA ASP A 147 -27.97 -24.39 1.33
C ASP A 147 -26.66 -23.68 0.99
N LEU A 148 -25.59 -24.05 1.68
CA LEU A 148 -24.31 -23.38 1.55
C LEU A 148 -23.48 -23.75 0.29
N GLN A 149 -23.75 -24.89 -0.33
CA GLN A 149 -23.14 -25.20 -1.63
C GLN A 149 -23.71 -24.31 -2.74
N GLU A 150 -25.02 -24.07 -2.70
CA GLU A 150 -25.64 -23.12 -3.62
C GLU A 150 -24.99 -21.73 -3.46
N GLU A 151 -24.73 -21.34 -2.21
CA GLU A 151 -24.07 -20.06 -1.95
C GLU A 151 -22.60 -20.04 -2.41
N MET A 152 -21.91 -21.20 -2.37
CA MET A 152 -20.58 -21.28 -2.98
C MET A 152 -20.69 -21.05 -4.49
N ASN A 153 -21.68 -21.65 -5.14
CA ASN A 153 -21.87 -21.41 -6.57
C ASN A 153 -22.00 -19.91 -6.82
N TYR A 154 -22.77 -19.25 -5.98
CA TYR A 154 -22.96 -17.81 -6.09
C TYR A 154 -21.64 -17.02 -5.95
N ILE A 155 -20.88 -17.28 -4.88
CA ILE A 155 -19.68 -16.49 -4.63
C ILE A 155 -18.59 -16.75 -5.66
N ILE A 156 -18.52 -17.96 -6.18
CA ILE A 156 -17.51 -18.21 -7.19
C ILE A 156 -17.75 -17.35 -8.45
N ALA A 157 -19.02 -17.10 -8.77
CA ALA A 157 -19.35 -16.24 -9.92
C ALA A 157 -19.03 -14.75 -9.66
N ILE A 158 -19.43 -14.23 -8.51
CA ILE A 158 -19.09 -12.86 -8.14
C ILE A 158 -17.58 -12.57 -8.15
N ILE A 159 -16.79 -13.49 -7.63
CA ILE A 159 -15.34 -13.31 -7.63
C ILE A 159 -14.76 -13.31 -9.05
N GLU A 160 -15.28 -14.19 -9.91
CA GLU A 160 -14.85 -14.21 -11.32
C GLU A 160 -14.99 -12.84 -11.97
N GLU A 161 -16.07 -12.13 -11.68
CA GLU A 161 -16.30 -10.83 -12.31
C GLU A 161 -15.72 -9.61 -11.57
N GLN A 162 -15.50 -9.73 -10.26
CA GLN A 162 -14.93 -8.64 -9.45
C GLN A 162 -13.85 -9.15 -8.52
N PRO A 163 -12.73 -9.63 -9.08
CA PRO A 163 -11.76 -10.37 -8.29
C PRO A 163 -10.86 -9.51 -7.39
N LYS A 164 -10.96 -8.20 -7.48
CA LYS A 164 -10.06 -7.35 -6.68
C LYS A 164 -10.76 -6.68 -5.52
N ASN A 165 -11.84 -7.30 -5.04
CA ASN A 165 -12.61 -6.77 -3.93
C ASN A 165 -12.32 -7.59 -2.66
N TYR A 166 -12.12 -6.92 -1.53
CA TYR A 166 -11.83 -7.59 -0.27
C TYR A 166 -13.00 -8.44 0.21
N GLN A 167 -14.19 -7.86 0.22
CA GLN A 167 -15.39 -8.49 0.79
C GLN A 167 -15.74 -9.84 0.19
N VAL A 168 -15.55 -10.03 -1.11
CA VAL A 168 -15.95 -11.29 -1.75
C VAL A 168 -15.06 -12.46 -1.36
N TRP A 169 -13.79 -12.19 -1.17
CA TRP A 169 -12.86 -13.22 -0.74
C TRP A 169 -13.12 -13.60 0.73
N HIS A 170 -13.37 -12.61 1.57
CA HIS A 170 -13.69 -12.91 2.97
C HIS A 170 -14.95 -13.76 3.10
N HIS A 171 -15.98 -13.45 2.31
CA HIS A 171 -17.21 -14.25 2.29
C HIS A 171 -16.91 -15.71 1.94
N ARG A 172 -16.12 -15.94 0.89
CA ARG A 172 -15.76 -17.31 0.50
C ARG A 172 -15.09 -18.07 1.66
N ARG A 173 -14.16 -17.41 2.34
CA ARG A 173 -13.47 -17.99 3.49
C ARG A 173 -14.44 -18.41 4.60
N VAL A 174 -15.36 -17.53 4.97
CA VAL A 174 -16.37 -17.88 5.96
C VAL A 174 -17.16 -19.12 5.54
N LEU A 175 -17.48 -19.20 4.25
CA LEU A 175 -18.24 -20.35 3.74
C LEU A 175 -17.45 -21.64 3.90
N VAL A 176 -16.17 -21.59 3.53
CA VAL A 176 -15.30 -22.75 3.66
C VAL A 176 -15.19 -23.14 5.13
N GLU A 177 -15.00 -22.16 6.00
CA GLU A 177 -14.98 -22.39 7.45
C GLU A 177 -16.26 -23.09 7.92
N TRP A 178 -17.41 -22.58 7.50
CA TRP A 178 -18.69 -23.16 7.93
C TRP A 178 -18.83 -24.60 7.47
N LEU A 179 -18.47 -24.86 6.22
CA LEU A 179 -18.64 -26.17 5.64
C LEU A 179 -17.51 -27.13 5.99
N LYS A 180 -16.36 -26.56 6.36
CA LYS A 180 -15.17 -27.35 6.63
C LYS A 180 -14.77 -28.16 5.43
N ASP A 181 -14.83 -27.54 4.25
CA ASP A 181 -14.57 -28.24 3.00
C ASP A 181 -13.72 -27.39 2.06
N PRO A 182 -12.46 -27.80 1.88
CA PRO A 182 -11.52 -27.08 1.04
C PRO A 182 -11.33 -27.72 -0.31
N SER A 183 -12.18 -28.69 -0.65
CA SER A 183 -11.97 -29.51 -1.85
C SER A 183 -12.11 -28.78 -3.19
N GLN A 184 -12.82 -27.65 -3.21
CA GLN A 184 -12.96 -26.89 -4.45
C GLN A 184 -11.92 -25.78 -4.61
N GLU A 185 -11.15 -25.50 -3.55
CA GLU A 185 -10.40 -24.25 -3.45
C GLU A 185 -9.17 -24.08 -4.36
N LEU A 186 -8.28 -25.06 -4.37
CA LEU A 186 -7.06 -24.90 -5.14
C LEU A 186 -7.37 -24.75 -6.62
N GLU A 187 -8.36 -25.49 -7.08
CA GLU A 187 -8.74 -25.44 -8.48
C GLU A 187 -9.43 -24.11 -8.83
N PHE A 188 -10.33 -23.66 -7.98
CA PHE A 188 -10.94 -22.35 -8.17
C PHE A 188 -9.89 -21.23 -8.22
N ILE A 189 -8.97 -21.23 -7.26
CA ILE A 189 -7.94 -20.19 -7.20
C ILE A 189 -7.02 -20.22 -8.43
N ALA A 190 -6.65 -21.42 -8.87
CA ALA A 190 -5.87 -21.58 -10.10
C ALA A 190 -6.56 -20.93 -11.31
N ASP A 191 -7.89 -21.01 -11.36
CA ASP A 191 -8.61 -20.39 -12.45
C ASP A 191 -8.51 -18.87 -12.41
N ILE A 192 -8.60 -18.28 -11.22
CA ILE A 192 -8.46 -16.84 -11.09
C ILE A 192 -7.04 -16.40 -11.47
N LEU A 193 -6.05 -17.16 -11.03
CA LEU A 193 -4.64 -16.83 -11.27
C LEU A 193 -4.31 -17.01 -12.75
N ASN A 194 -5.11 -17.81 -13.43
CA ASN A 194 -4.93 -17.97 -14.86
C ASN A 194 -5.34 -16.73 -15.65
N GLN A 195 -6.10 -15.84 -15.02
CA GLN A 195 -6.49 -14.58 -15.67
C GLN A 195 -5.67 -13.38 -15.15
N ASP A 196 -5.28 -13.43 -13.89
CA ASP A 196 -4.34 -12.46 -13.31
C ASP A 196 -3.43 -13.20 -12.33
N ALA A 197 -2.22 -13.53 -12.77
CA ALA A 197 -1.34 -14.42 -12.03
C ALA A 197 -0.72 -13.76 -10.80
N LYS A 198 -1.11 -12.51 -10.55
CA LYS A 198 -0.54 -11.73 -9.46
C LYS A 198 -1.58 -11.20 -8.47
N ASN A 199 -2.83 -11.61 -8.63
CA ASN A 199 -3.91 -11.15 -7.73
C ASN A 199 -3.61 -11.36 -6.26
N TYR A 200 -3.46 -10.27 -5.52
CA TYR A 200 -3.06 -10.33 -4.11
C TYR A 200 -4.03 -11.14 -3.22
N HIS A 201 -5.33 -10.89 -3.35
CA HIS A 201 -6.33 -11.61 -2.55
C HIS A 201 -6.32 -13.10 -2.87
N ALA A 202 -6.11 -13.44 -4.14
CA ALA A 202 -6.04 -14.83 -4.56
C ALA A 202 -4.87 -15.58 -3.87
N TRP A 203 -3.67 -15.02 -3.94
CA TRP A 203 -2.55 -15.68 -3.27
C TRP A 203 -2.75 -15.78 -1.75
N GLN A 204 -3.37 -14.77 -1.16
CA GLN A 204 -3.65 -14.79 0.26
C GLN A 204 -4.63 -15.89 0.61
N HIS A 205 -5.69 -16.01 -0.19
CA HIS A 205 -6.65 -17.07 0.06
C HIS A 205 -5.97 -18.44 -0.10
N ARG A 206 -5.14 -18.59 -1.13
CA ARG A 206 -4.39 -19.82 -1.36
C ARG A 206 -3.51 -20.18 -0.17
N GLN A 207 -2.80 -19.21 0.39
CA GLN A 207 -1.97 -19.48 1.56
C GLN A 207 -2.81 -19.92 2.76
N TRP A 208 -3.92 -19.23 3.00
CA TRP A 208 -4.78 -19.60 4.12
C TRP A 208 -5.29 -21.04 4.00
N VAL A 209 -5.82 -21.41 2.84
CA VAL A 209 -6.34 -22.76 2.62
C VAL A 209 -5.30 -23.86 2.87
N ILE A 210 -4.15 -23.72 2.24
CA ILE A 210 -3.06 -24.67 2.37
C ILE A 210 -2.63 -24.85 3.82
N GLN A 211 -2.47 -23.74 4.52
CA GLN A 211 -2.03 -23.76 5.91
C GLN A 211 -3.09 -24.40 6.83
N GLU A 212 -4.32 -23.88 6.80
CA GLU A 212 -5.37 -24.39 7.67
C GLU A 212 -5.71 -25.87 7.46
N PHE A 213 -5.64 -26.35 6.22
CA PHE A 213 -6.04 -27.73 5.90
C PHE A 213 -4.86 -28.62 5.52
N ARG A 214 -3.64 -28.10 5.68
CA ARG A 214 -2.44 -28.87 5.39
C ARG A 214 -2.44 -29.51 4.00
N LEU A 215 -2.61 -28.71 2.96
CA LEU A 215 -2.56 -29.23 1.60
C LEU A 215 -1.26 -28.84 0.88
N TRP A 216 -0.14 -29.27 1.44
CA TRP A 216 1.19 -28.86 0.97
C TRP A 216 1.74 -29.68 -0.20
N ASP A 217 1.22 -30.89 -0.40
CA ASP A 217 1.90 -31.89 -1.24
C ASP A 217 2.03 -31.57 -2.73
N ASN A 218 1.15 -30.73 -3.29
CA ASN A 218 1.26 -30.44 -4.72
C ASN A 218 1.67 -29.01 -5.06
N GLU A 219 1.94 -28.18 -4.07
CA GLU A 219 2.12 -26.76 -4.32
C GLU A 219 3.44 -26.41 -5.02
N LEU A 220 4.52 -27.10 -4.65
CA LEU A 220 5.82 -26.83 -5.26
C LEU A 220 5.74 -27.10 -6.75
N GLN A 221 5.06 -28.18 -7.10
CA GLN A 221 4.83 -28.54 -8.49
C GLN A 221 4.05 -27.43 -9.22
N TYR A 222 3.04 -26.88 -8.55
CA TYR A 222 2.29 -25.75 -9.08
C TYR A 222 3.17 -24.51 -9.27
N VAL A 223 4.04 -24.25 -8.30
CA VAL A 223 4.95 -23.11 -8.38
C VAL A 223 5.86 -23.25 -9.59
N ASP A 224 6.38 -24.45 -9.80
CA ASP A 224 7.29 -24.70 -10.92
C ASP A 224 6.60 -24.45 -12.24
N GLN A 225 5.33 -24.82 -12.32
CA GLN A 225 4.54 -24.57 -13.51
C GLN A 225 4.44 -23.07 -13.82
N LEU A 226 4.08 -22.26 -12.82
CA LEU A 226 3.94 -20.82 -13.06
C LEU A 226 5.28 -20.11 -13.30
N LEU A 227 6.36 -20.61 -12.71
CA LEU A 227 7.68 -20.03 -12.99
C LEU A 227 8.09 -20.30 -14.45
N LYS A 228 7.66 -21.44 -14.98
CA LYS A 228 7.81 -21.72 -16.40
C LYS A 228 7.10 -20.67 -17.26
N GLU A 229 5.83 -20.40 -16.94
CA GLU A 229 5.08 -19.42 -17.72
C GLU A 229 5.66 -17.99 -17.64
N ASP A 230 6.11 -17.58 -16.46
CA ASP A 230 6.67 -16.24 -16.29
C ASP A 230 7.64 -16.18 -15.11
N VAL A 231 8.93 -16.33 -15.42
CA VAL A 231 9.91 -16.45 -14.36
C VAL A 231 10.12 -15.11 -13.66
N ARG A 232 9.47 -14.09 -14.17
CA ARG A 232 9.53 -12.78 -13.54
C ARG A 232 8.41 -12.54 -12.51
N ASN A 233 7.61 -13.55 -12.22
CA ASN A 233 6.42 -13.37 -11.36
C ASN A 233 6.77 -13.41 -9.88
N ASN A 234 6.92 -12.23 -9.26
CA ASN A 234 7.35 -12.14 -7.87
C ASN A 234 6.40 -12.85 -6.88
N SER A 235 5.11 -12.89 -7.20
CA SER A 235 4.16 -13.60 -6.33
C SER A 235 4.51 -15.08 -6.22
N VAL A 236 4.96 -15.64 -7.33
CA VAL A 236 5.28 -17.07 -7.41
C VAL A 236 6.59 -17.41 -6.68
N TRP A 237 7.60 -16.55 -6.81
CA TRP A 237 8.82 -16.70 -6.01
C TRP A 237 8.49 -16.62 -4.52
N ASN A 238 7.51 -15.78 -4.17
CA ASN A 238 7.08 -15.70 -2.77
C ASN A 238 6.39 -16.99 -2.32
N GLN A 239 5.57 -17.59 -3.18
CA GLN A 239 4.90 -18.83 -2.84
C GLN A 239 5.91 -19.96 -2.67
N ARG A 240 6.96 -19.92 -3.48
CA ARG A 240 8.04 -20.90 -3.41
C ARG A 240 8.68 -20.87 -2.01
N HIS A 241 8.99 -19.66 -1.53
CA HIS A 241 9.61 -19.52 -0.22
C HIS A 241 8.64 -19.95 0.87
N PHE A 242 7.35 -19.68 0.64
CA PHE A 242 6.32 -20.01 1.60
C PHE A 242 6.18 -21.53 1.74
N VAL A 243 6.23 -22.24 0.62
CA VAL A 243 6.12 -23.70 0.66
C VAL A 243 7.32 -24.37 1.33
N ILE A 244 8.52 -23.99 0.90
CA ILE A 244 9.74 -24.62 1.40
C ILE A 244 9.91 -24.31 2.89
N SER A 245 9.67 -23.07 3.29
CA SER A 245 9.75 -22.66 4.70
C SER A 245 8.96 -23.56 5.62
N ASN A 246 7.80 -24.00 5.15
CA ASN A 246 6.85 -24.68 6.02
C ASN A 246 6.86 -26.20 5.85
N THR A 247 7.72 -26.69 4.98
CA THR A 247 7.87 -28.13 4.80
C THR A 247 9.27 -28.58 5.24
N THR A 248 10.24 -28.61 4.33
CA THR A 248 11.60 -29.02 4.68
C THR A 248 12.36 -27.95 5.47
N GLY A 249 12.17 -26.68 5.12
CA GLY A 249 12.95 -25.61 5.71
C GLY A 249 14.20 -25.44 4.86
N TYR A 250 15.01 -24.44 5.20
CA TYR A 250 16.21 -24.14 4.42
C TYR A 250 17.51 -24.56 5.13
N SER A 251 17.38 -25.27 6.24
CA SER A 251 18.57 -25.77 6.94
C SER A 251 19.10 -27.08 6.35
N ASP A 252 18.20 -27.90 5.82
CA ASP A 252 18.60 -29.06 5.02
C ASP A 252 19.57 -28.64 3.91
N ARG A 253 20.84 -28.99 4.08
CA ARG A 253 21.88 -28.63 3.12
C ARG A 253 21.54 -29.04 1.69
N ALA A 254 21.00 -30.24 1.52
CA ALA A 254 20.63 -30.69 0.19
C ALA A 254 19.61 -29.74 -0.43
N VAL A 255 18.59 -29.36 0.34
CA VAL A 255 17.55 -28.45 -0.16
C VAL A 255 18.09 -27.06 -0.51
N LEU A 256 18.81 -26.44 0.42
CA LEU A 256 19.42 -25.15 0.14
C LEU A 256 20.30 -25.24 -1.12
N GLU A 257 21.04 -26.33 -1.25
CA GLU A 257 21.93 -26.50 -2.40
C GLU A 257 21.11 -26.48 -3.68
N ARG A 258 20.06 -27.30 -3.71
CA ARG A 258 19.16 -27.36 -4.85
C ARG A 258 18.64 -25.96 -5.20
N GLU A 259 18.19 -25.23 -4.19
CA GLU A 259 17.55 -23.93 -4.40
C GLU A 259 18.49 -22.90 -5.01
N VAL A 260 19.74 -22.89 -4.56
CA VAL A 260 20.71 -21.96 -5.10
C VAL A 260 21.12 -22.30 -6.53
N GLN A 261 21.31 -23.58 -6.85
CA GLN A 261 21.68 -23.96 -8.22
C GLN A 261 20.60 -23.47 -9.18
N TYR A 262 19.35 -23.79 -8.83
CA TYR A 262 18.20 -23.40 -9.63
C TYR A 262 18.13 -21.90 -9.85
N THR A 263 18.32 -21.13 -8.78
CA THR A 263 18.30 -19.66 -8.88
C THR A 263 19.41 -19.15 -9.80
N LEU A 264 20.66 -19.54 -9.52
CA LEU A 264 21.78 -19.15 -10.37
C LEU A 264 21.52 -19.55 -11.82
N GLU A 265 20.89 -20.70 -12.01
CA GLU A 265 20.54 -21.14 -13.35
C GLU A 265 19.57 -20.16 -14.05
N MET A 266 18.57 -19.66 -13.31
CA MET A 266 17.57 -18.74 -13.86
C MET A 266 18.17 -17.37 -14.11
N ILE A 267 19.04 -16.93 -13.21
CA ILE A 267 19.78 -15.69 -13.39
C ILE A 267 20.59 -15.71 -14.69
N LYS A 268 21.14 -16.87 -15.03
CA LYS A 268 21.90 -17.00 -16.27
C LYS A 268 20.98 -16.85 -17.47
N LEU A 269 19.82 -17.47 -17.41
CA LEU A 269 18.84 -17.33 -18.48
C LEU A 269 18.30 -15.89 -18.63
N VAL A 270 18.13 -15.18 -17.52
CA VAL A 270 17.55 -13.83 -17.55
C VAL A 270 18.22 -12.89 -16.55
N PRO A 271 19.47 -12.50 -16.84
CA PRO A 271 20.35 -11.75 -15.94
C PRO A 271 19.75 -10.48 -15.32
N HIS A 272 18.78 -9.87 -15.99
CA HIS A 272 18.17 -8.62 -15.51
C HIS A 272 16.83 -8.80 -14.78
N ASN A 273 16.46 -10.04 -14.44
CA ASN A 273 15.24 -10.31 -13.69
C ASN A 273 15.48 -10.20 -12.18
N GLU A 274 14.95 -9.15 -11.58
CA GLU A 274 15.25 -8.82 -10.18
C GLU A 274 14.71 -9.84 -9.17
N SER A 275 13.60 -10.50 -9.49
CA SER A 275 13.02 -11.47 -8.56
C SER A 275 14.02 -12.56 -8.15
N ALA A 276 14.65 -13.17 -9.14
CA ALA A 276 15.66 -14.21 -8.90
C ALA A 276 16.75 -13.71 -7.98
N TRP A 277 17.31 -12.55 -8.31
CA TRP A 277 18.32 -11.93 -7.46
C TRP A 277 17.87 -11.76 -6.00
N ASN A 278 16.64 -11.31 -5.80
CA ASN A 278 16.13 -11.10 -4.44
C ASN A 278 15.92 -12.43 -3.68
N TYR A 279 15.53 -13.46 -4.40
CA TYR A 279 15.36 -14.79 -3.81
C TYR A 279 16.69 -15.35 -3.32
N LEU A 280 17.72 -15.26 -4.16
CA LEU A 280 19.05 -15.75 -3.80
C LEU A 280 19.54 -15.05 -2.53
N LYS A 281 19.37 -13.73 -2.48
CA LYS A 281 19.78 -12.94 -1.34
C LYS A 281 18.96 -13.32 -0.11
N GLY A 282 17.65 -13.48 -0.32
CA GLY A 282 16.74 -13.82 0.74
C GLY A 282 17.09 -15.12 1.44
N ILE A 283 17.47 -16.14 0.69
CA ILE A 283 17.70 -17.45 1.31
C ILE A 283 19.11 -17.65 1.87
N LEU A 284 20.00 -16.70 1.63
CA LEU A 284 21.38 -16.80 2.13
C LEU A 284 21.72 -15.79 3.23
N GLN A 285 20.92 -14.74 3.35
CA GLN A 285 21.30 -13.59 4.17
C GLN A 285 21.10 -13.78 5.67
N ASP A 286 20.29 -14.76 6.07
CA ASP A 286 20.08 -14.99 7.50
C ASP A 286 21.27 -15.68 8.17
N ARG A 287 21.80 -16.73 7.54
CA ARG A 287 23.03 -17.32 8.04
C ARG A 287 24.19 -16.34 7.84
N GLY A 288 24.10 -15.51 6.81
CA GLY A 288 25.13 -14.52 6.53
C GLY A 288 25.85 -14.82 5.23
N LEU A 289 25.90 -13.83 4.33
CA LEU A 289 26.51 -14.03 3.02
C LEU A 289 27.96 -14.50 3.09
N SER A 290 28.74 -13.94 4.02
CA SER A 290 30.15 -14.26 4.13
C SER A 290 30.41 -15.70 4.60
N ARG A 291 29.34 -16.40 4.96
CA ARG A 291 29.44 -17.79 5.39
C ARG A 291 29.62 -18.70 4.17
N TYR A 292 29.35 -18.15 2.99
CA TYR A 292 29.46 -18.93 1.76
C TYR A 292 30.55 -18.38 0.84
N PRO A 293 31.80 -18.82 1.05
CA PRO A 293 32.96 -18.21 0.40
C PRO A 293 33.14 -18.50 -1.10
N ASN A 294 32.50 -19.52 -1.65
CA ASN A 294 32.57 -19.76 -3.09
C ASN A 294 31.70 -18.80 -3.90
N LEU A 295 30.72 -18.20 -3.23
CA LEU A 295 29.74 -17.32 -3.86
C LEU A 295 30.39 -16.17 -4.63
N LEU A 296 31.26 -15.44 -3.93
CA LEU A 296 31.96 -14.30 -4.49
C LEU A 296 32.62 -14.57 -5.84
N ASN A 297 33.48 -15.57 -5.92
CA ASN A 297 34.17 -15.85 -7.18
C ASN A 297 33.21 -16.29 -8.28
N GLN A 298 32.13 -16.98 -7.90
CA GLN A 298 31.20 -17.46 -8.90
C GLN A 298 30.39 -16.33 -9.52
N LEU A 299 30.23 -15.24 -8.77
CA LEU A 299 29.51 -14.09 -9.28
C LEU A 299 30.41 -13.25 -10.16
N LEU A 300 31.65 -13.06 -9.73
CA LEU A 300 32.62 -12.32 -10.50
C LEU A 300 32.76 -12.97 -11.88
N ASP A 301 32.62 -14.29 -11.91
CA ASP A 301 32.72 -15.04 -13.16
C ASP A 301 31.50 -14.88 -14.08
N LEU A 302 30.59 -13.98 -13.71
CA LEU A 302 29.47 -13.65 -14.57
C LEU A 302 29.57 -12.20 -15.01
N GLN A 303 30.43 -11.44 -14.34
CA GLN A 303 30.67 -10.04 -14.71
C GLN A 303 30.79 -9.89 -16.23
N PRO A 304 31.74 -10.63 -16.85
CA PRO A 304 31.97 -10.55 -18.28
C PRO A 304 30.69 -10.46 -19.10
N SER A 305 29.89 -11.53 -19.11
CA SER A 305 28.77 -11.64 -20.03
C SER A 305 27.39 -11.79 -19.38
N HIS A 306 27.25 -11.37 -18.12
CA HIS A 306 25.98 -11.48 -17.41
C HIS A 306 25.80 -10.36 -16.39
N SER A 307 26.47 -9.23 -16.60
CA SER A 307 26.47 -8.16 -15.61
C SER A 307 25.15 -7.39 -15.53
N SER A 308 24.98 -6.65 -14.44
CA SER A 308 23.79 -5.85 -14.21
C SER A 308 24.02 -5.04 -12.96
N PRO A 309 23.19 -4.00 -12.74
CA PRO A 309 23.32 -3.32 -11.46
C PRO A 309 22.94 -4.24 -10.30
N TYR A 310 22.23 -5.32 -10.60
CA TYR A 310 21.84 -6.28 -9.57
C TYR A 310 23.03 -7.11 -9.10
N LEU A 311 23.88 -7.53 -10.04
CA LEU A 311 25.07 -8.31 -9.70
C LEU A 311 26.07 -7.45 -8.91
N ILE A 312 26.20 -6.18 -9.33
CA ILE A 312 27.07 -5.24 -8.64
C ILE A 312 26.62 -5.02 -7.20
N ALA A 313 25.31 -4.90 -7.02
CA ALA A 313 24.75 -4.58 -5.70
C ALA A 313 24.96 -5.73 -4.74
N PHE A 314 24.84 -6.95 -5.26
CA PHE A 314 25.04 -8.16 -4.49
C PHE A 314 26.50 -8.22 -4.03
N LEU A 315 27.41 -7.89 -4.94
CA LEU A 315 28.83 -7.86 -4.60
C LEU A 315 29.05 -6.97 -3.38
N VAL A 316 28.44 -5.80 -3.38
CA VAL A 316 28.56 -4.88 -2.26
C VAL A 316 28.04 -5.50 -0.96
N ASP A 317 26.99 -6.31 -1.07
CA ASP A 317 26.37 -6.92 0.10
C ASP A 317 27.26 -8.00 0.70
N ILE A 318 27.91 -8.77 -0.18
CA ILE A 318 28.91 -9.76 0.23
C ILE A 318 30.08 -9.11 0.97
N TYR A 319 30.65 -8.05 0.38
CA TYR A 319 31.74 -7.33 1.04
C TYR A 319 31.29 -6.76 2.37
N GLU A 320 30.07 -6.24 2.40
CA GLU A 320 29.54 -5.65 3.63
C GLU A 320 29.55 -6.68 4.76
N ASP A 321 29.02 -7.88 4.50
CA ASP A 321 29.00 -8.93 5.51
C ASP A 321 30.43 -9.37 5.88
N MET A 322 31.29 -9.49 4.87
CA MET A 322 32.68 -9.89 5.11
C MET A 322 33.35 -8.97 6.14
N LEU A 323 33.14 -7.67 5.99
CA LEU A 323 33.76 -6.69 6.87
C LEU A 323 33.15 -6.72 8.27
N GLU A 324 32.05 -7.43 8.43
CA GLU A 324 31.36 -7.50 9.72
C GLU A 324 31.81 -8.75 10.47
N ASN A 325 32.15 -9.80 9.73
CA ASN A 325 32.69 -11.01 10.32
C ASN A 325 34.19 -11.06 10.20
N GLN A 326 34.80 -9.88 10.23
CA GLN A 326 36.25 -9.70 10.27
C GLN A 326 37.04 -10.67 9.38
N CYS A 327 37.15 -10.30 8.11
CA CYS A 327 37.79 -11.13 7.09
C CYS A 327 39.26 -10.74 6.90
N ASP A 328 39.98 -11.56 6.13
CA ASP A 328 41.36 -11.23 5.78
C ASP A 328 41.37 -10.06 4.80
N ASN A 329 42.48 -9.32 4.77
CA ASN A 329 42.62 -8.22 3.81
C ASN A 329 41.62 -7.12 4.07
N LYS A 330 41.33 -6.86 5.34
CA LYS A 330 40.32 -5.89 5.73
C LYS A 330 40.23 -4.75 4.72
N GLU A 331 41.36 -4.11 4.46
CA GLU A 331 41.37 -2.88 3.67
C GLU A 331 41.14 -3.09 2.18
N ASP A 332 41.69 -4.18 1.65
CA ASP A 332 41.51 -4.49 0.24
C ASP A 332 40.02 -4.64 -0.08
N ILE A 333 39.28 -5.24 0.85
CA ILE A 333 37.85 -5.47 0.69
C ILE A 333 37.06 -4.17 0.76
N LEU A 334 37.39 -3.31 1.72
CA LEU A 334 36.72 -2.02 1.87
C LEU A 334 36.74 -1.24 0.54
N ASN A 335 37.93 -0.98 0.02
CA ASN A 335 38.09 -0.12 -1.16
C ASN A 335 37.44 -0.70 -2.41
N LYS A 336 37.45 -2.03 -2.53
CA LYS A 336 36.70 -2.69 -3.59
C LYS A 336 35.22 -2.26 -3.53
N ALA A 337 34.68 -2.21 -2.32
CA ALA A 337 33.27 -1.89 -2.10
C ALA A 337 32.95 -0.42 -2.34
N LEU A 338 33.82 0.46 -1.85
CA LEU A 338 33.62 1.90 -2.02
C LEU A 338 33.65 2.26 -3.49
N GLU A 339 34.43 1.50 -4.25
CA GLU A 339 34.54 1.70 -5.69
C GLU A 339 33.18 1.38 -6.33
N LEU A 340 32.63 0.22 -5.98
CA LEU A 340 31.36 -0.20 -6.54
C LEU A 340 30.22 0.73 -6.13
N CYS A 341 30.18 1.15 -4.87
CA CYS A 341 29.16 2.08 -4.41
C CYS A 341 29.17 3.34 -5.26
N GLU A 342 30.37 3.75 -5.66
CA GLU A 342 30.58 4.95 -6.45
C GLU A 342 30.11 4.74 -7.89
N ILE A 343 30.54 3.64 -8.50
CA ILE A 343 30.10 3.29 -9.85
C ILE A 343 28.56 3.27 -9.98
N LEU A 344 27.89 2.74 -8.94
CA LEU A 344 26.44 2.66 -8.89
C LEU A 344 25.78 4.04 -8.79
N ALA A 345 26.35 4.89 -7.93
CA ALA A 345 25.79 6.22 -7.70
C ALA A 345 26.01 7.18 -8.86
N LYS A 346 27.11 7.00 -9.59
CA LYS A 346 27.49 7.91 -10.65
C LYS A 346 27.04 7.42 -12.01
N GLU A 347 26.95 6.11 -12.18
CA GLU A 347 26.80 5.55 -13.52
C GLU A 347 25.76 4.43 -13.66
N LYS A 348 25.91 3.35 -12.90
CA LYS A 348 25.13 2.13 -13.15
C LYS A 348 23.72 2.11 -12.55
N ASP A 349 23.47 2.96 -11.56
CA ASP A 349 22.20 2.92 -10.85
C ASP A 349 21.92 4.25 -10.18
N THR A 350 21.91 5.33 -10.96
CA THR A 350 21.84 6.67 -10.39
C THR A 350 20.52 7.03 -9.71
N ILE A 351 19.45 6.31 -10.05
CA ILE A 351 18.16 6.53 -9.40
C ILE A 351 18.30 6.33 -7.89
N ARG A 352 19.24 5.46 -7.50
CA ARG A 352 19.49 5.18 -6.10
C ARG A 352 20.75 5.88 -5.54
N LYS A 353 21.17 6.95 -6.19
CA LYS A 353 22.38 7.67 -5.77
C LYS A 353 22.41 7.99 -4.27
N GLU A 354 21.29 8.47 -3.71
CA GLU A 354 21.25 8.78 -2.27
C GLU A 354 21.42 7.55 -1.38
N TYR A 355 21.00 6.39 -1.88
CA TYR A 355 21.14 5.16 -1.10
C TYR A 355 22.59 4.68 -1.12
N TRP A 356 23.17 4.60 -2.31
CA TRP A 356 24.52 4.09 -2.47
C TRP A 356 25.58 5.00 -1.82
N ARG A 357 25.34 6.30 -1.81
CA ARG A 357 26.23 7.21 -1.09
C ARG A 357 26.14 6.98 0.40
N TYR A 358 24.97 6.57 0.87
CA TYR A 358 24.77 6.28 2.28
C TYR A 358 25.52 5.01 2.68
N ILE A 359 25.46 3.98 1.85
CA ILE A 359 26.19 2.75 2.12
C ILE A 359 27.69 3.05 2.18
N GLY A 360 28.18 3.79 1.18
CA GLY A 360 29.59 4.16 1.12
C GLY A 360 30.07 4.88 2.37
N ARG A 361 29.26 5.80 2.86
CA ARG A 361 29.60 6.51 4.09
C ARG A 361 29.60 5.58 5.29
N SER A 362 28.58 4.73 5.39
CA SER A 362 28.45 3.74 6.47
C SER A 362 29.68 2.85 6.62
N LEU A 363 30.09 2.25 5.50
CA LEU A 363 31.23 1.34 5.48
C LEU A 363 32.50 2.07 5.91
N GLN A 364 32.69 3.29 5.40
CA GLN A 364 33.82 4.11 5.80
C GLN A 364 33.75 4.38 7.31
N SER A 365 32.59 4.82 7.76
CA SER A 365 32.43 5.21 9.14
C SER A 365 32.80 4.11 10.14
N LYS A 366 32.74 2.85 9.73
CA LYS A 366 32.98 1.78 10.70
C LYS A 366 34.03 0.71 10.35
N HIS A 367 34.58 0.76 9.15
CA HIS A 367 35.53 -0.26 8.73
C HIS A 367 36.88 0.27 8.23
N SER A 368 37.03 1.59 8.15
CA SER A 368 38.32 2.16 7.75
C SER A 368 39.37 1.94 8.84
N ARG A 369 40.64 1.87 8.45
CA ARG A 369 41.71 1.56 9.41
C ARG A 369 41.74 2.55 10.58
N GLU A 370 41.21 3.75 10.35
CA GLU A 370 41.17 4.82 11.35
C GLU A 370 39.93 4.75 12.24
N SER A 371 39.01 3.84 11.91
CA SER A 371 37.72 3.74 12.58
C SER A 371 37.78 3.38 14.08
N ASP A 372 38.83 2.66 14.49
CA ASP A 372 38.98 2.30 15.90
C ASP A 372 40.08 3.14 16.58
N ILE A 373 40.76 3.96 15.79
CA ILE A 373 41.90 4.75 16.28
C ILE A 373 41.46 6.00 17.05
N PRO A 374 41.86 6.10 18.34
CA PRO A 374 41.50 7.24 19.19
C PRO A 374 41.95 8.59 18.60
N ALA A 375 41.21 9.65 18.92
CA ALA A 375 41.46 10.99 18.33
C ALA A 375 42.87 11.53 18.57
N SER A 376 43.53 11.07 19.63
CA SER A 376 44.86 11.57 20.01
C SER A 376 46.03 11.04 19.17
N VAL A 377 45.86 9.87 18.56
CA VAL A 377 46.93 9.23 17.78
C VAL A 377 47.40 10.10 16.60
N PRO B 17 25.82 25.09 -17.70
CA PRO B 17 26.15 25.19 -19.12
C PRO B 17 24.90 25.24 -20.00
N VAL B 18 25.03 25.82 -21.19
CA VAL B 18 23.91 25.99 -22.11
C VAL B 18 23.42 24.66 -22.71
N TRP B 19 24.34 23.74 -22.93
CA TRP B 19 24.01 22.42 -23.50
C TRP B 19 23.39 21.48 -22.47
N SER B 20 23.36 21.90 -21.20
CA SER B 20 22.88 21.05 -20.11
C SER B 20 21.35 21.06 -19.96
N GLU B 21 20.78 19.86 -19.90
CA GLU B 21 19.34 19.70 -19.63
C GLU B 21 19.07 19.65 -18.12
N PRO B 22 18.29 20.61 -17.61
CA PRO B 22 18.02 20.67 -16.17
C PRO B 22 17.02 19.59 -15.69
N LEU B 23 16.24 19.02 -16.60
CA LEU B 23 15.32 17.93 -16.24
C LEU B 23 15.96 16.55 -16.37
N TYR B 24 15.98 15.82 -15.27
CA TYR B 24 16.63 14.51 -15.17
C TYR B 24 16.06 13.49 -16.17
N SER B 25 14.76 13.49 -16.38
CA SER B 25 14.12 12.50 -17.25
C SER B 25 14.39 12.76 -18.73
N LEU B 26 14.84 13.97 -19.06
CA LEU B 26 15.03 14.34 -20.47
C LEU B 26 16.50 14.26 -20.93
N ARG B 27 17.42 14.03 -20.01
CA ARG B 27 18.84 13.93 -20.39
C ARG B 27 19.06 12.74 -21.30
N PRO B 28 20.08 12.83 -22.17
CA PRO B 28 20.28 11.77 -23.16
C PRO B 28 20.74 10.43 -22.54
N GLU B 29 21.47 10.49 -21.43
CA GLU B 29 21.85 9.27 -20.72
C GLU B 29 20.60 8.51 -20.29
N HIS B 30 19.55 9.25 -19.98
CA HIS B 30 18.32 8.64 -19.49
C HIS B 30 17.85 7.46 -20.35
N ALA B 31 18.13 7.51 -21.66
CA ALA B 31 17.69 6.45 -22.56
C ALA B 31 18.26 5.09 -22.17
N ARG B 32 19.40 5.10 -21.48
CA ARG B 32 20.04 3.86 -21.03
C ARG B 32 19.20 3.14 -19.96
N GLU B 33 18.28 3.88 -19.34
CA GLU B 33 17.44 3.32 -18.29
C GLU B 33 16.21 2.54 -18.76
N ARG B 34 16.06 2.36 -20.07
CA ARG B 34 14.94 1.56 -20.61
C ARG B 34 15.09 0.07 -20.24
N LEU B 35 13.99 -0.67 -20.33
CA LEU B 35 14.00 -2.08 -19.94
C LEU B 35 14.92 -2.94 -20.79
N GLN B 36 15.74 -3.77 -20.13
CA GLN B 36 16.48 -4.82 -20.82
C GLN B 36 15.84 -6.17 -20.53
N ASP B 37 15.20 -6.73 -21.54
CA ASP B 37 14.43 -7.95 -21.37
C ASP B 37 15.22 -9.22 -21.73
N ASP B 38 16.52 -9.04 -21.98
CA ASP B 38 17.42 -10.17 -22.25
C ASP B 38 16.91 -11.08 -23.39
N SER B 39 16.08 -10.52 -24.27
CA SER B 39 15.47 -11.29 -25.37
C SER B 39 14.61 -12.47 -24.89
N VAL B 40 14.28 -12.48 -23.61
CA VAL B 40 13.30 -13.42 -23.08
C VAL B 40 12.02 -12.66 -22.73
N GLU B 41 10.95 -12.91 -23.48
CA GLU B 41 9.68 -12.21 -23.26
C GLU B 41 8.73 -12.99 -22.37
N THR B 42 8.13 -12.28 -21.41
CA THR B 42 7.03 -12.84 -20.61
C THR B 42 5.99 -11.75 -20.41
N VAL B 43 4.85 -12.13 -19.86
CA VAL B 43 3.78 -11.19 -19.58
C VAL B 43 4.29 -9.98 -18.79
N THR B 44 5.16 -10.21 -17.80
CA THR B 44 5.69 -9.12 -17.01
C THR B 44 6.45 -8.09 -17.85
N SER B 45 7.33 -8.54 -18.74
CA SER B 45 8.16 -7.60 -19.54
C SER B 45 7.39 -6.88 -20.64
N ILE B 46 6.48 -7.60 -21.30
CA ILE B 46 5.59 -7.00 -22.28
C ILE B 46 4.84 -5.82 -21.66
N GLU B 47 4.26 -6.03 -20.50
CA GLU B 47 3.49 -4.98 -19.82
C GLU B 47 4.33 -3.79 -19.36
N GLN B 48 5.53 -4.08 -18.86
CA GLN B 48 6.45 -3.03 -18.44
C GLN B 48 6.90 -2.19 -19.64
N ALA B 49 7.10 -2.85 -20.79
CA ALA B 49 7.52 -2.14 -22.00
C ALA B 49 6.45 -1.19 -22.54
N LYS B 50 5.20 -1.61 -22.49
CA LYS B 50 4.09 -0.74 -22.90
C LYS B 50 4.08 0.58 -22.14
N VAL B 51 4.23 0.50 -20.82
CA VAL B 51 4.23 1.70 -19.98
C VAL B 51 5.42 2.61 -20.29
N GLU B 52 6.60 2.02 -20.45
CA GLU B 52 7.79 2.81 -20.72
C GLU B 52 7.69 3.56 -22.04
N GLU B 53 7.07 2.93 -23.04
CA GLU B 53 6.89 3.58 -24.32
C GLU B 53 5.93 4.77 -24.17
N LYS B 54 4.88 4.58 -23.40
CA LYS B 54 3.90 5.63 -23.20
C LYS B 54 4.48 6.81 -22.43
N ILE B 55 5.37 6.53 -21.47
CA ILE B 55 6.02 7.56 -20.68
C ILE B 55 7.10 8.29 -21.49
N GLN B 56 7.77 7.57 -22.38
CA GLN B 56 8.77 8.19 -23.24
C GLN B 56 8.17 9.27 -24.14
N GLU B 57 6.98 9.01 -24.69
CA GLU B 57 6.28 10.01 -25.50
C GLU B 57 6.00 11.26 -24.68
N VAL B 58 5.54 11.08 -23.44
CA VAL B 58 5.30 12.25 -22.61
C VAL B 58 6.59 13.05 -22.45
N PHE B 59 7.70 12.36 -22.15
CA PHE B 59 8.98 13.04 -21.96
C PHE B 59 9.44 13.74 -23.23
N SER B 60 9.28 13.08 -24.37
CA SER B 60 9.77 13.58 -25.65
C SER B 60 8.90 14.64 -26.31
N SER B 61 7.68 14.82 -25.81
CA SER B 61 6.70 15.68 -26.47
C SER B 61 7.19 17.12 -26.65
N TYR B 62 7.97 17.62 -25.70
CA TYR B 62 8.49 18.99 -25.78
C TYR B 62 9.45 19.15 -26.96
N LYS B 63 10.35 18.18 -27.08
CA LYS B 63 11.30 18.14 -28.19
C LYS B 63 10.60 18.01 -29.53
N PHE B 64 9.61 17.13 -29.63
CA PHE B 64 8.93 16.94 -30.92
C PHE B 64 8.04 18.14 -31.30
N ASN B 65 7.55 18.87 -30.31
CA ASN B 65 6.75 20.07 -30.56
C ASN B 65 7.59 21.33 -30.65
N HIS B 66 8.88 21.19 -30.35
CA HIS B 66 9.82 22.31 -30.38
C HIS B 66 9.42 23.42 -29.40
N LEU B 67 9.25 23.05 -28.13
CA LEU B 67 8.97 24.02 -27.07
C LEU B 67 9.89 23.75 -25.88
N VAL B 68 10.12 24.76 -25.05
CA VAL B 68 10.90 24.54 -23.84
C VAL B 68 10.02 24.03 -22.70
N PRO B 69 10.43 22.93 -22.05
CA PRO B 69 9.60 22.33 -21.00
C PRO B 69 9.31 23.32 -19.87
N ARG B 70 8.11 23.25 -19.33
CA ARG B 70 7.76 24.02 -18.15
C ARG B 70 6.86 23.17 -17.23
N LEU B 71 7.34 22.88 -16.02
CA LEU B 71 6.59 22.06 -15.11
C LEU B 71 5.75 22.91 -14.17
N VAL B 72 4.44 22.94 -14.41
CA VAL B 72 3.51 23.76 -13.65
C VAL B 72 2.47 22.90 -12.93
N LEU B 73 2.39 23.02 -11.61
CA LEU B 73 1.30 22.40 -10.89
C LEU B 73 0.04 23.22 -11.11
N GLN B 74 -0.98 22.60 -11.71
CA GLN B 74 -2.21 23.32 -12.03
C GLN B 74 -3.12 23.57 -10.83
N ARG B 75 -2.67 24.40 -9.90
CA ARG B 75 -3.41 24.71 -8.67
C ARG B 75 -4.87 25.07 -8.91
N GLU B 76 -5.11 25.95 -9.87
CA GLU B 76 -6.48 26.43 -10.10
C GLU B 76 -7.41 25.29 -10.50
N LYS B 77 -7.02 24.54 -11.52
CA LYS B 77 -7.83 23.42 -11.98
C LYS B 77 -8.12 22.40 -10.87
N HIS B 78 -7.11 22.04 -10.08
CA HIS B 78 -7.30 21.05 -9.02
C HIS B 78 -8.25 21.57 -7.94
N PHE B 79 -8.16 22.86 -7.62
CA PHE B 79 -9.04 23.50 -6.63
C PHE B 79 -10.52 23.42 -7.02
N HIS B 80 -10.82 23.71 -8.28
CA HIS B 80 -12.20 23.69 -8.73
C HIS B 80 -12.73 22.27 -8.59
N TYR B 81 -11.95 21.30 -9.06
CA TYR B 81 -12.29 19.89 -8.99
C TYR B 81 -12.62 19.45 -7.55
N LEU B 82 -11.77 19.83 -6.61
CA LEU B 82 -11.96 19.49 -5.20
C LEU B 82 -13.14 20.21 -4.56
N LYS B 83 -13.14 21.53 -4.68
CA LYS B 83 -14.22 22.39 -4.15
C LYS B 83 -15.60 21.84 -4.51
N ARG B 84 -15.75 21.37 -5.74
CA ARG B 84 -17.01 20.77 -6.17
C ARG B 84 -17.24 19.40 -5.52
N GLY B 85 -16.28 18.50 -5.69
CA GLY B 85 -16.38 17.16 -5.09
C GLY B 85 -16.75 17.17 -3.62
N LEU B 86 -16.24 18.14 -2.87
CA LEU B 86 -16.52 18.18 -1.43
C LEU B 86 -18.00 18.30 -1.14
N ARG B 87 -18.78 18.65 -2.16
CA ARG B 87 -20.20 18.84 -1.98
C ARG B 87 -21.01 17.79 -2.72
N GLN B 88 -20.59 17.43 -3.92
CA GLN B 88 -21.42 16.60 -4.79
C GLN B 88 -20.61 15.80 -5.80
N LEU B 89 -21.00 14.55 -6.04
CA LEU B 89 -20.27 13.67 -6.94
C LEU B 89 -21.22 12.99 -7.92
N THR B 90 -20.73 12.62 -9.11
CA THR B 90 -21.57 11.92 -10.08
C THR B 90 -21.74 10.44 -9.69
N ASP B 91 -22.60 9.72 -10.40
CA ASP B 91 -22.91 8.35 -10.03
C ASP B 91 -21.74 7.42 -10.31
N ALA B 92 -20.69 7.95 -10.93
CA ALA B 92 -19.46 7.20 -11.10
C ALA B 92 -18.90 6.78 -9.72
N TYR B 93 -19.33 7.47 -8.68
CA TYR B 93 -18.85 7.21 -7.33
C TYR B 93 -19.80 6.33 -6.50
N GLU B 94 -20.69 5.62 -7.18
CA GLU B 94 -21.56 4.67 -6.49
C GLU B 94 -20.76 3.58 -5.78
N CYS B 95 -19.61 3.21 -6.34
CA CYS B 95 -18.80 2.16 -5.75
C CYS B 95 -18.10 2.64 -4.47
N LEU B 96 -18.28 3.92 -4.13
CA LEU B 96 -17.71 4.49 -2.92
C LEU B 96 -18.78 4.93 -1.93
N ASP B 97 -20.01 4.48 -2.15
CA ASP B 97 -21.12 4.73 -1.23
C ASP B 97 -20.86 4.21 0.20
N ALA B 98 -19.91 3.30 0.35
CA ALA B 98 -19.62 2.78 1.69
C ALA B 98 -18.27 3.29 2.20
N SER B 99 -17.81 4.39 1.60
CA SER B 99 -16.51 4.94 1.92
C SER B 99 -16.54 6.46 1.97
N ARG B 100 -17.54 7.05 2.59
CA ARG B 100 -17.67 8.49 2.44
C ARG B 100 -16.77 9.35 3.31
N PRO B 101 -16.44 8.88 4.53
CA PRO B 101 -15.40 9.56 5.29
C PRO B 101 -14.06 9.56 4.54
N TRP B 102 -13.80 8.54 3.73
CA TRP B 102 -12.57 8.55 2.95
C TRP B 102 -12.61 9.71 1.98
N LEU B 103 -13.77 9.94 1.37
CA LEU B 103 -13.90 11.06 0.43
C LEU B 103 -13.72 12.39 1.16
N CYS B 104 -14.31 12.52 2.35
CA CYS B 104 -14.08 13.72 3.14
C CYS B 104 -12.58 13.91 3.37
N TYR B 105 -11.91 12.86 3.83
CA TYR B 105 -10.48 12.98 4.12
C TYR B 105 -9.64 13.27 2.88
N TRP B 106 -9.82 12.49 1.81
CA TRP B 106 -9.01 12.71 0.61
C TRP B 106 -9.09 14.14 0.12
N ILE B 107 -10.32 14.67 0.07
CA ILE B 107 -10.56 16.01 -0.45
C ILE B 107 -10.04 17.12 0.48
N LEU B 108 -10.41 17.06 1.75
CA LEU B 108 -9.91 18.05 2.73
C LEU B 108 -8.38 18.08 2.80
N HIS B 109 -7.75 16.93 2.74
CA HIS B 109 -6.29 16.90 2.78
C HIS B 109 -5.65 17.49 1.52
N SER B 110 -6.28 17.26 0.37
CA SER B 110 -5.77 17.84 -0.88
C SER B 110 -5.83 19.38 -0.82
N LEU B 111 -6.97 19.90 -0.39
CA LEU B 111 -7.15 21.33 -0.19
C LEU B 111 -6.12 21.87 0.78
N GLU B 112 -5.91 21.16 1.88
CA GLU B 112 -4.91 21.55 2.90
C GLU B 112 -3.51 21.66 2.32
N LEU B 113 -3.10 20.67 1.53
CA LEU B 113 -1.80 20.70 0.86
C LEU B 113 -1.70 21.88 -0.11
N LEU B 114 -2.80 22.21 -0.77
CA LEU B 114 -2.83 23.32 -1.72
C LEU B 114 -3.00 24.66 -1.01
N ASP B 115 -3.12 24.61 0.31
CA ASP B 115 -3.25 25.83 1.11
C ASP B 115 -4.55 26.58 0.81
N GLU B 116 -5.63 25.85 0.62
CA GLU B 116 -6.93 26.46 0.40
C GLU B 116 -7.74 26.35 1.68
N PRO B 117 -8.17 27.48 2.23
CA PRO B 117 -8.82 27.42 3.54
C PRO B 117 -10.22 26.81 3.44
N ILE B 118 -10.74 26.36 4.57
CA ILE B 118 -12.01 25.68 4.60
C ILE B 118 -13.08 26.62 5.15
N PRO B 119 -14.00 27.06 4.29
CA PRO B 119 -15.07 27.93 4.79
C PRO B 119 -15.67 27.30 6.03
N GLN B 120 -15.83 28.09 7.08
CA GLN B 120 -16.30 27.57 8.35
C GLN B 120 -17.68 26.91 8.31
N ILE B 121 -18.49 27.26 7.31
CA ILE B 121 -19.79 26.61 7.16
C ILE B 121 -19.61 25.21 6.54
N VAL B 122 -18.62 25.07 5.67
CA VAL B 122 -18.20 23.75 5.20
C VAL B 122 -17.76 22.90 6.39
N ALA B 123 -16.82 23.41 7.17
CA ALA B 123 -16.37 22.70 8.38
C ALA B 123 -17.51 22.19 9.25
N THR B 124 -18.47 23.05 9.56
CA THR B 124 -19.62 22.62 10.35
C THR B 124 -20.44 21.53 9.66
N ASP B 125 -20.66 21.65 8.35
CA ASP B 125 -21.42 20.65 7.61
C ASP B 125 -20.72 19.28 7.57
N VAL B 126 -19.39 19.28 7.45
CA VAL B 126 -18.62 18.04 7.51
C VAL B 126 -18.76 17.37 8.88
N CYS B 127 -18.60 18.16 9.94
CA CYS B 127 -18.78 17.66 11.30
C CYS B 127 -20.11 16.94 11.48
N GLN B 128 -21.18 17.61 11.05
CA GLN B 128 -22.52 17.08 11.23
C GLN B 128 -22.73 15.80 10.42
N PHE B 129 -22.14 15.74 9.24
CA PHE B 129 -22.27 14.55 8.42
C PHE B 129 -21.56 13.36 9.08
N LEU B 130 -20.35 13.59 9.57
CA LEU B 130 -19.59 12.54 10.23
C LEU B 130 -20.28 12.06 11.52
N GLU B 131 -20.99 12.95 12.19
CA GLU B 131 -21.78 12.57 13.35
C GLU B 131 -22.81 11.52 12.96
N LEU B 132 -23.44 11.72 11.80
CA LEU B 132 -24.42 10.75 11.33
C LEU B 132 -23.77 9.40 11.02
N CYS B 133 -22.47 9.41 10.70
CA CYS B 133 -21.77 8.17 10.38
C CYS B 133 -21.29 7.43 11.62
N GLN B 134 -21.36 8.08 12.78
CA GLN B 134 -20.79 7.51 13.99
C GLN B 134 -21.72 6.47 14.64
N SER B 135 -21.17 5.32 15.00
CA SER B 135 -21.96 4.26 15.61
C SER B 135 -22.25 4.52 17.09
N PRO B 136 -23.48 4.16 17.54
CA PRO B 136 -23.83 4.29 18.95
C PRO B 136 -22.83 3.57 19.86
N ASP B 137 -22.29 2.45 19.40
CA ASP B 137 -21.33 1.66 20.18
C ASP B 137 -19.84 1.94 19.85
N GLY B 138 -19.56 3.04 19.14
CA GLY B 138 -18.18 3.43 18.85
C GLY B 138 -17.70 3.22 17.42
N GLY B 139 -16.80 4.08 16.96
CA GLY B 139 -16.30 4.00 15.60
C GLY B 139 -17.24 4.65 14.60
N PHE B 140 -16.76 4.84 13.37
CA PHE B 140 -17.55 5.41 12.30
C PHE B 140 -17.79 4.40 11.18
N GLY B 141 -18.92 4.54 10.48
CA GLY B 141 -19.23 3.71 9.33
C GLY B 141 -19.01 4.46 8.02
N GLY B 142 -19.24 3.77 6.91
CA GLY B 142 -18.98 4.33 5.58
C GLY B 142 -20.03 5.31 5.12
N GLY B 143 -21.09 5.44 5.91
CA GLY B 143 -22.22 6.32 5.62
C GLY B 143 -23.29 6.21 6.71
N PRO B 144 -24.30 7.10 6.67
CA PRO B 144 -25.29 7.13 7.76
C PRO B 144 -26.03 5.81 7.90
N GLY B 145 -25.95 5.20 9.08
CA GLY B 145 -26.64 3.93 9.30
C GLY B 145 -25.89 2.67 8.88
N GLN B 146 -24.65 2.83 8.44
CA GLN B 146 -23.85 1.66 8.10
C GLN B 146 -23.08 1.25 9.36
N TYR B 147 -22.77 -0.04 9.49
CA TYR B 147 -21.96 -0.48 10.64
C TYR B 147 -20.57 0.16 10.64
N PRO B 148 -19.98 0.30 11.84
CA PRO B 148 -18.62 0.84 12.03
C PRO B 148 -17.57 -0.05 11.40
N HIS B 149 -16.41 0.52 11.06
CA HIS B 149 -15.33 -0.16 10.37
C HIS B 149 -14.06 0.66 10.57
N LEU B 150 -12.92 0.01 10.83
CA LEU B 150 -11.70 0.73 11.19
C LEU B 150 -11.14 1.69 10.13
N ALA B 151 -11.32 1.33 8.86
CA ALA B 151 -10.82 2.17 7.79
C ALA B 151 -11.56 3.53 7.69
N PRO B 152 -12.92 3.51 7.59
CA PRO B 152 -13.61 4.80 7.65
C PRO B 152 -13.47 5.49 9.00
N THR B 153 -13.19 4.72 10.06
CA THR B 153 -12.95 5.31 11.38
C THR B 153 -11.66 6.12 11.34
N TYR B 154 -10.62 5.56 10.75
CA TYR B 154 -9.35 6.25 10.56
C TYR B 154 -9.54 7.52 9.74
N ALA B 155 -10.32 7.44 8.66
CA ALA B 155 -10.55 8.60 7.79
C ALA B 155 -11.34 9.70 8.49
N ALA B 156 -12.37 9.31 9.23
CA ALA B 156 -13.20 10.27 9.95
C ALA B 156 -12.34 11.10 10.91
N VAL B 157 -11.61 10.42 11.78
CA VAL B 157 -10.73 11.08 12.73
C VAL B 157 -9.77 12.04 12.04
N ASN B 158 -9.11 11.59 10.98
CA ASN B 158 -8.18 12.45 10.24
C ASN B 158 -8.84 13.71 9.69
N ALA B 159 -10.07 13.57 9.19
CA ALA B 159 -10.76 14.70 8.60
C ALA B 159 -11.10 15.75 9.68
N LEU B 160 -11.64 15.29 10.81
CA LEU B 160 -11.95 16.18 11.94
C LEU B 160 -10.70 16.89 12.48
N CYS B 161 -9.55 16.22 12.42
CA CYS B 161 -8.31 16.84 12.89
C CYS B 161 -7.78 17.87 11.90
N ILE B 162 -8.10 17.67 10.62
CA ILE B 162 -7.71 18.65 9.61
C ILE B 162 -8.51 19.92 9.82
N ILE B 163 -9.79 19.75 10.15
CA ILE B 163 -10.65 20.86 10.45
C ILE B 163 -10.18 21.51 11.75
N GLY B 164 -10.06 20.71 12.80
CA GLY B 164 -9.31 21.11 13.98
C GLY B 164 -9.94 22.11 14.94
N THR B 165 -11.26 22.29 14.84
CA THR B 165 -11.96 23.16 15.77
C THR B 165 -12.49 22.36 16.97
N GLU B 166 -12.99 23.09 17.97
CA GLU B 166 -13.60 22.47 19.13
C GLU B 166 -14.79 21.63 18.69
N GLU B 167 -15.57 22.16 17.75
CA GLU B 167 -16.69 21.42 17.20
C GLU B 167 -16.21 20.08 16.64
N ALA B 168 -15.22 20.13 15.75
CA ALA B 168 -14.68 18.91 15.17
C ALA B 168 -14.23 17.93 16.26
N TYR B 169 -13.33 18.35 17.14
CA TYR B 169 -12.83 17.47 18.20
C TYR B 169 -13.97 16.84 19.00
N ASN B 170 -14.99 17.63 19.30
CA ASN B 170 -16.09 17.16 20.14
C ASN B 170 -16.99 16.11 19.50
N VAL B 171 -16.87 15.91 18.19
CA VAL B 171 -17.68 14.89 17.51
C VAL B 171 -17.34 13.48 18.01
N ILE B 172 -16.06 13.23 18.23
CA ILE B 172 -15.58 11.88 18.55
C ILE B 172 -15.96 11.43 19.96
N ASN B 173 -16.71 10.34 20.05
CA ASN B 173 -17.04 9.74 21.34
C ASN B 173 -15.93 8.80 21.82
N ARG B 174 -15.06 9.32 22.69
CA ARG B 174 -13.83 8.63 23.09
C ARG B 174 -14.01 7.35 23.91
N GLU B 175 -14.99 7.32 24.82
CA GLU B 175 -15.26 6.10 25.59
C GLU B 175 -15.64 4.97 24.65
N LYS B 176 -16.59 5.26 23.76
CA LYS B 176 -17.09 4.26 22.85
C LYS B 176 -15.97 3.80 21.92
N LEU B 177 -15.23 4.76 21.39
CA LEU B 177 -14.14 4.44 20.49
C LEU B 177 -13.21 3.39 21.09
N LEU B 178 -12.84 3.54 22.36
CA LEU B 178 -11.94 2.59 23.00
C LEU B 178 -12.64 1.25 23.18
N GLN B 179 -13.91 1.27 23.54
CA GLN B 179 -14.66 0.03 23.62
C GLN B 179 -14.59 -0.68 22.27
N TYR B 180 -14.93 0.05 21.21
CA TYR B 180 -14.85 -0.49 19.85
C TYR B 180 -13.49 -1.15 19.58
N LEU B 181 -12.40 -0.42 19.77
CA LEU B 181 -11.07 -0.99 19.55
C LEU B 181 -10.86 -2.32 20.29
N TYR B 182 -11.28 -2.39 21.56
CA TYR B 182 -11.13 -3.61 22.35
C TYR B 182 -11.92 -4.79 21.76
N SER B 183 -13.07 -4.52 21.17
CA SER B 183 -13.90 -5.60 20.66
C SER B 183 -13.30 -6.19 19.40
N LEU B 184 -12.36 -5.47 18.79
CA LEU B 184 -11.69 -5.94 17.57
C LEU B 184 -10.36 -6.65 17.85
N LYS B 185 -9.77 -6.34 19.00
CA LYS B 185 -8.46 -6.89 19.39
C LYS B 185 -8.44 -8.42 19.45
N GLN B 186 -7.41 -9.03 18.85
CA GLN B 186 -7.25 -10.48 18.87
C GLN B 186 -6.21 -10.94 19.89
N PRO B 187 -6.30 -12.20 20.33
CA PRO B 187 -5.32 -12.66 21.32
C PRO B 187 -3.89 -12.68 20.80
N ASP B 188 -3.70 -12.88 19.49
CA ASP B 188 -2.34 -12.94 18.93
C ASP B 188 -1.69 -11.57 18.63
N GLY B 189 -2.39 -10.48 18.95
CA GLY B 189 -1.84 -9.13 18.77
C GLY B 189 -2.46 -8.30 17.66
N SER B 190 -3.17 -8.96 16.75
CA SER B 190 -3.78 -8.28 15.61
C SER B 190 -5.17 -7.71 15.92
N PHE B 191 -5.72 -6.95 14.98
CA PHE B 191 -7.10 -6.43 15.10
C PHE B 191 -7.95 -6.87 13.90
N LEU B 192 -9.23 -7.11 14.11
CA LEU B 192 -10.14 -7.27 12.99
C LEU B 192 -10.38 -5.89 12.38
N MET B 193 -10.68 -5.81 11.09
CA MET B 193 -11.06 -4.52 10.48
C MET B 193 -12.43 -4.10 10.98
N HIS B 194 -13.28 -5.08 11.28
CA HIS B 194 -14.63 -4.84 11.76
C HIS B 194 -15.23 -6.14 12.24
N VAL B 195 -16.31 -6.07 13.00
CA VAL B 195 -16.96 -7.26 13.55
C VAL B 195 -17.36 -8.24 12.46
N GLY B 196 -16.89 -9.49 12.58
CA GLY B 196 -17.10 -10.50 11.55
C GLY B 196 -16.28 -10.30 10.28
N GLY B 197 -15.19 -9.54 10.40
CA GLY B 197 -14.38 -9.16 9.23
C GLY B 197 -12.96 -9.68 9.16
N GLU B 198 -12.17 -9.12 8.25
CA GLU B 198 -10.81 -9.64 8.01
C GLU B 198 -9.69 -8.97 8.84
N VAL B 199 -8.65 -9.73 9.12
CA VAL B 199 -7.45 -9.22 9.79
C VAL B 199 -6.31 -9.02 8.80
N ASP B 200 -5.69 -7.84 8.84
CA ASP B 200 -4.40 -7.62 8.17
C ASP B 200 -3.71 -6.39 8.76
N VAL B 201 -2.52 -6.06 8.26
CA VAL B 201 -1.71 -5.02 8.89
C VAL B 201 -2.36 -3.63 8.87
N ARG B 202 -3.21 -3.36 7.90
CA ARG B 202 -3.85 -2.05 7.82
C ARG B 202 -4.57 -1.73 9.12
N SER B 203 -5.14 -2.75 9.75
CA SER B 203 -6.03 -2.53 10.89
C SER B 203 -5.25 -2.09 12.13
N ALA B 204 -4.02 -2.57 12.26
CA ALA B 204 -3.13 -2.16 13.36
C ALA B 204 -2.83 -0.67 13.24
N TYR B 205 -2.48 -0.26 12.02
CA TYR B 205 -2.23 1.16 11.74
C TYR B 205 -3.46 2.05 12.02
N CYS B 206 -4.60 1.71 11.43
CA CYS B 206 -5.85 2.44 11.70
C CYS B 206 -6.09 2.62 13.19
N ALA B 207 -5.96 1.53 13.94
CA ALA B 207 -6.17 1.55 15.39
C ALA B 207 -5.13 2.43 16.12
N ALA B 208 -3.85 2.25 15.79
CA ALA B 208 -2.81 3.03 16.45
C ALA B 208 -2.93 4.52 16.13
N SER B 209 -3.41 4.82 14.93
CA SER B 209 -3.54 6.21 14.49
C SER B 209 -4.63 6.95 15.26
N VAL B 210 -5.82 6.37 15.34
CA VAL B 210 -6.90 7.07 16.02
C VAL B 210 -6.71 7.05 17.54
N ALA B 211 -6.14 5.96 18.07
CA ALA B 211 -5.91 5.86 19.52
C ALA B 211 -4.88 6.86 20.01
N SER B 212 -3.79 7.05 19.26
CA SER B 212 -2.77 7.99 19.69
C SER B 212 -3.24 9.44 19.57
N LEU B 213 -3.86 9.79 18.45
CA LEU B 213 -4.38 11.14 18.27
C LEU B 213 -5.38 11.55 19.36
N THR B 214 -6.29 10.66 19.75
CA THR B 214 -7.36 11.01 20.69
C THR B 214 -7.01 10.66 22.14
N ASN B 215 -5.79 10.21 22.37
CA ASN B 215 -5.33 9.89 23.71
C ASN B 215 -6.18 8.84 24.44
N ILE B 216 -6.33 7.66 23.86
CA ILE B 216 -7.11 6.60 24.50
C ILE B 216 -6.32 5.31 24.70
N ILE B 217 -5.00 5.41 24.62
CA ILE B 217 -4.12 4.23 24.71
C ILE B 217 -3.91 3.73 26.14
N THR B 218 -4.53 2.61 26.47
CA THR B 218 -4.35 1.99 27.79
C THR B 218 -3.10 1.12 27.79
N PRO B 219 -2.60 0.77 28.98
CA PRO B 219 -1.41 -0.07 29.19
C PRO B 219 -1.40 -1.36 28.36
N ASP B 220 -2.56 -1.99 28.19
CA ASP B 220 -2.62 -3.27 27.47
C ASP B 220 -3.30 -3.25 26.08
N LEU B 221 -3.69 -2.07 25.57
CA LEU B 221 -4.43 -2.02 24.31
C LEU B 221 -3.66 -2.71 23.19
N PHE B 222 -2.35 -2.45 23.13
CA PHE B 222 -1.51 -2.95 22.06
C PHE B 222 -0.53 -4.06 22.44
N GLU B 223 -0.85 -4.82 23.48
CA GLU B 223 -0.07 -5.99 23.83
C GLU B 223 0.03 -6.90 22.61
N GLY B 224 1.24 -7.27 22.24
CA GLY B 224 1.44 -8.25 21.17
C GLY B 224 1.38 -7.70 19.75
N THR B 225 0.94 -6.46 19.60
CA THR B 225 0.75 -5.86 18.28
C THR B 225 2.07 -5.65 17.52
N ALA B 226 3.07 -5.07 18.17
CA ALA B 226 4.37 -4.89 17.54
C ALA B 226 4.96 -6.22 17.08
N GLU B 227 4.81 -7.25 17.90
CA GLU B 227 5.32 -8.57 17.54
C GLU B 227 4.59 -9.15 16.35
N TRP B 228 3.26 -9.00 16.33
CA TRP B 228 2.49 -9.50 15.22
C TRP B 228 2.89 -8.82 13.91
N ILE B 229 3.04 -7.49 13.95
CA ILE B 229 3.49 -6.74 12.77
C ILE B 229 4.85 -7.23 12.28
N ALA B 230 5.78 -7.45 13.22
CA ALA B 230 7.13 -7.88 12.86
C ALA B 230 7.13 -9.23 12.14
N ARG B 231 6.15 -10.07 12.45
CA ARG B 231 6.01 -11.34 11.75
C ARG B 231 5.62 -11.15 10.28
N CYS B 232 5.13 -9.96 9.92
CA CYS B 232 4.71 -9.72 8.55
C CYS B 232 5.87 -9.33 7.63
N GLN B 233 7.00 -8.93 8.21
CA GLN B 233 8.19 -8.68 7.41
C GLN B 233 8.70 -10.00 6.84
N ASN B 234 9.04 -10.02 5.56
CA ASN B 234 9.42 -11.28 4.91
C ASN B 234 10.84 -11.30 4.33
N TRP B 235 11.15 -12.37 3.60
CA TRP B 235 12.46 -12.56 2.99
C TRP B 235 12.87 -11.46 2.02
N GLU B 236 11.93 -10.60 1.64
CA GLU B 236 12.20 -9.53 0.67
C GLU B 236 12.72 -8.27 1.36
N GLY B 237 12.41 -8.13 2.64
CA GLY B 237 12.74 -6.91 3.37
C GLY B 237 11.52 -6.06 3.69
N GLY B 238 10.48 -6.17 2.84
CA GLY B 238 9.28 -5.37 3.03
C GLY B 238 8.26 -6.10 3.89
N ILE B 239 7.05 -5.54 3.99
CA ILE B 239 6.00 -6.12 4.82
C ILE B 239 4.77 -6.53 4.00
N GLY B 240 4.23 -7.71 4.33
CA GLY B 240 3.03 -8.24 3.66
C GLY B 240 1.76 -8.05 4.48
N GLY B 241 0.59 -8.29 3.88
CA GLY B 241 -0.69 -8.08 4.57
C GLY B 241 -0.87 -8.92 5.83
N VAL B 242 -0.48 -10.19 5.71
CA VAL B 242 -0.40 -11.11 6.84
C VAL B 242 0.87 -11.97 6.69
N PRO B 243 1.29 -12.64 7.77
CA PRO B 243 2.53 -13.45 7.75
C PRO B 243 2.56 -14.42 6.58
N GLY B 244 3.63 -14.38 5.79
CA GLY B 244 3.75 -15.24 4.62
C GLY B 244 3.53 -14.58 3.25
N MET B 245 2.87 -13.42 3.24
CA MET B 245 2.49 -12.77 1.98
C MET B 245 3.56 -11.87 1.36
N GLU B 246 3.49 -11.71 0.04
CA GLU B 246 4.42 -10.88 -0.72
C GLU B 246 4.50 -9.49 -0.10
N ALA B 247 5.66 -8.86 -0.13
CA ALA B 247 5.81 -7.52 0.44
C ALA B 247 5.15 -6.48 -0.47
N HIS B 248 4.45 -5.51 0.12
CA HIS B 248 3.73 -4.49 -0.64
C HIS B 248 3.84 -3.10 -0.01
N GLY B 249 3.98 -2.09 -0.86
CA GLY B 249 4.07 -0.70 -0.39
C GLY B 249 3.00 -0.27 0.59
N GLY B 250 1.74 -0.65 0.36
CA GLY B 250 0.65 -0.20 1.21
C GLY B 250 0.73 -0.78 2.61
N TYR B 251 1.00 -2.08 2.69
CA TYR B 251 1.12 -2.74 3.99
C TYR B 251 2.42 -2.34 4.69
N THR B 252 3.49 -2.14 3.92
CA THR B 252 4.75 -1.74 4.52
C THR B 252 4.60 -0.37 5.16
N PHE B 253 4.02 0.60 4.45
CA PHE B 253 3.78 1.87 5.07
C PHE B 253 3.02 1.70 6.39
N CYS B 254 1.96 0.91 6.37
CA CYS B 254 1.09 0.76 7.53
C CYS B 254 1.83 0.13 8.70
N GLY B 255 2.64 -0.88 8.41
CA GLY B 255 3.39 -1.60 9.43
C GLY B 255 4.40 -0.72 10.12
N LEU B 256 5.25 -0.05 9.32
CA LEU B 256 6.27 0.81 9.91
C LEU B 256 5.64 1.98 10.67
N ALA B 257 4.64 2.61 10.06
CA ALA B 257 4.01 3.77 10.67
C ALA B 257 3.37 3.42 12.02
N ALA B 258 2.77 2.24 12.09
CA ALA B 258 2.21 1.78 13.34
C ALA B 258 3.33 1.57 14.37
N LEU B 259 4.44 0.95 13.95
CA LEU B 259 5.56 0.74 14.88
C LEU B 259 6.12 2.07 15.41
N VAL B 260 6.27 3.05 14.53
CA VAL B 260 6.72 4.38 14.95
C VAL B 260 5.80 4.98 16.02
N ILE B 261 4.49 4.90 15.79
CA ILE B 261 3.54 5.36 16.80
C ILE B 261 3.77 4.64 18.14
N LEU B 262 4.01 3.34 18.09
CA LEU B 262 4.19 2.55 19.31
C LEU B 262 5.64 2.58 19.81
N LYS B 263 6.53 3.20 19.03
CA LYS B 263 7.93 3.27 19.41
C LYS B 263 8.61 1.90 19.43
N LYS B 264 8.38 1.12 18.38
CA LYS B 264 8.91 -0.23 18.31
C LYS B 264 9.54 -0.52 16.96
N GLU B 265 9.94 0.52 16.25
CA GLU B 265 10.56 0.35 14.95
C GLU B 265 11.65 -0.71 15.01
N ARG B 266 12.31 -0.80 16.16
CA ARG B 266 13.47 -1.67 16.29
C ARG B 266 13.11 -3.16 16.21
N SER B 267 11.84 -3.50 16.39
CA SER B 267 11.40 -4.88 16.18
C SER B 267 11.63 -5.35 14.74
N LEU B 268 11.80 -4.41 13.83
CA LEU B 268 12.03 -4.75 12.42
C LEU B 268 13.51 -4.77 12.10
N ASN B 269 13.88 -5.49 11.04
CA ASN B 269 15.18 -5.31 10.42
C ASN B 269 15.11 -4.08 9.49
N LEU B 270 15.48 -2.92 10.03
CA LEU B 270 15.35 -1.67 9.31
C LEU B 270 16.23 -1.60 8.07
N LYS B 271 17.34 -2.33 8.08
CA LYS B 271 18.28 -2.31 6.97
C LYS B 271 17.75 -3.00 5.70
N SER B 272 17.25 -4.22 5.84
CA SER B 272 16.72 -4.93 4.69
C SER B 272 15.46 -4.23 4.18
N LEU B 273 14.70 -3.63 5.10
CA LEU B 273 13.55 -2.82 4.73
C LEU B 273 13.98 -1.63 3.86
N LEU B 274 14.98 -0.89 4.32
CA LEU B 274 15.46 0.26 3.57
C LEU B 274 15.93 -0.13 2.16
N GLN B 275 16.61 -1.28 2.06
CA GLN B 275 17.08 -1.73 0.75
C GLN B 275 15.92 -2.08 -0.19
N TRP B 276 14.87 -2.66 0.38
CA TRP B 276 13.64 -3.01 -0.36
C TRP B 276 12.91 -1.79 -0.93
N VAL B 277 12.58 -0.81 -0.10
CA VAL B 277 11.81 0.34 -0.61
C VAL B 277 12.57 1.14 -1.67
N THR B 278 13.88 1.35 -1.45
CA THR B 278 14.66 2.15 -2.39
C THR B 278 14.71 1.47 -3.74
N SER B 279 14.62 0.14 -3.74
CA SER B 279 14.55 -0.61 -4.99
C SER B 279 13.21 -0.47 -5.72
N ARG B 280 12.22 0.08 -5.02
CA ARG B 280 10.87 0.20 -5.60
C ARG B 280 10.71 1.43 -6.51
N GLN B 281 11.72 2.29 -6.54
CA GLN B 281 11.70 3.43 -7.45
C GLN B 281 12.13 2.99 -8.85
N MET B 282 11.34 3.33 -9.86
CA MET B 282 11.59 2.89 -11.24
C MET B 282 12.66 3.77 -11.89
N ARG B 283 13.72 3.14 -12.38
CA ARG B 283 14.86 3.88 -12.93
C ARG B 283 14.50 4.74 -14.13
N PHE B 284 13.56 4.25 -14.95
CA PHE B 284 13.15 5.04 -16.10
C PHE B 284 12.05 6.05 -15.77
N GLU B 285 10.94 5.55 -15.24
CA GLU B 285 9.76 6.39 -15.00
C GLU B 285 9.97 7.45 -13.91
N GLY B 286 10.77 7.13 -12.89
CA GLY B 286 11.00 8.04 -11.78
C GLY B 286 10.02 7.89 -10.62
N GLY B 287 8.86 7.29 -10.89
CA GLY B 287 7.87 7.03 -9.84
C GLY B 287 8.13 5.73 -9.13
N PHE B 288 7.20 5.30 -8.28
CA PHE B 288 7.37 4.07 -7.52
C PHE B 288 6.40 2.98 -7.93
N GLN B 289 6.87 1.73 -7.91
CA GLN B 289 6.00 0.57 -8.07
C GLN B 289 5.60 0.07 -6.68
N GLY B 290 4.53 -0.73 -6.59
CA GLY B 290 4.02 -1.20 -5.30
C GLY B 290 4.67 -2.49 -4.80
N ARG B 291 5.26 -3.25 -5.73
CA ARG B 291 5.92 -4.50 -5.39
C ARG B 291 6.78 -4.91 -6.58
N CYS B 292 7.78 -5.76 -6.33
CA CYS B 292 8.78 -6.12 -7.32
C CYS B 292 8.19 -6.70 -8.62
N ASN B 293 8.63 -6.16 -9.76
CA ASN B 293 8.18 -6.61 -11.09
C ASN B 293 6.72 -6.27 -11.45
N LYS B 294 6.16 -5.25 -10.79
CA LYS B 294 4.88 -4.69 -11.25
C LYS B 294 5.02 -3.25 -11.76
N LEU B 295 3.90 -2.57 -12.02
CA LEU B 295 3.94 -1.30 -12.72
C LEU B 295 3.95 -0.09 -11.79
N VAL B 296 4.49 1.01 -12.28
CA VAL B 296 4.54 2.25 -11.56
C VAL B 296 3.13 2.79 -11.37
N ASP B 297 2.91 3.57 -10.30
CA ASP B 297 1.61 4.12 -9.96
C ASP B 297 1.75 5.34 -9.06
N GLY B 298 1.13 6.45 -9.49
CA GLY B 298 1.23 7.70 -8.74
C GLY B 298 0.94 7.63 -7.25
N CYS B 299 0.02 6.77 -6.82
CA CYS B 299 -0.35 6.77 -5.39
C CYS B 299 0.79 6.28 -4.49
N TYR B 300 1.72 5.51 -5.04
CA TYR B 300 2.84 5.01 -4.26
C TYR B 300 3.88 6.10 -4.00
N SER B 301 3.71 7.24 -4.65
CA SER B 301 4.52 8.40 -4.31
C SER B 301 4.35 8.68 -2.82
N PHE B 302 3.21 8.28 -2.25
CA PHE B 302 3.08 8.41 -0.80
C PHE B 302 3.39 7.12 0.00
N TRP B 303 2.69 6.03 -0.30
CA TRP B 303 2.89 4.81 0.46
C TRP B 303 4.35 4.33 0.43
N GLN B 304 5.01 4.38 -0.72
CA GLN B 304 6.42 3.95 -0.81
C GLN B 304 7.38 5.06 -0.32
N ALA B 305 7.39 6.21 -0.99
CA ALA B 305 8.32 7.28 -0.65
C ALA B 305 8.13 7.79 0.78
N GLY B 306 6.90 7.72 1.27
CA GLY B 306 6.59 8.12 2.64
C GLY B 306 7.37 7.31 3.67
N LEU B 307 7.94 6.20 3.24
CA LEU B 307 8.73 5.36 4.15
C LEU B 307 10.12 5.95 4.47
N LEU B 308 10.63 6.80 3.58
CA LEU B 308 11.98 7.27 3.76
C LEU B 308 12.13 8.27 4.91
N PRO B 309 11.17 9.19 5.07
CA PRO B 309 11.20 10.04 6.26
C PRO B 309 11.06 9.23 7.55
N LEU B 310 10.30 8.14 7.49
CA LEU B 310 10.09 7.30 8.67
C LEU B 310 11.39 6.56 9.04
N LEU B 311 12.07 6.02 8.03
CA LEU B 311 13.33 5.33 8.25
C LEU B 311 14.39 6.30 8.73
N HIS B 312 14.43 7.48 8.11
CA HIS B 312 15.36 8.51 8.51
C HIS B 312 15.24 8.80 10.00
N ARG B 313 14.02 9.07 10.44
CA ARG B 313 13.76 9.40 11.85
C ARG B 313 14.16 8.23 12.75
N ALA B 314 13.89 7.01 12.30
CA ALA B 314 14.21 5.82 13.09
C ALA B 314 15.71 5.59 13.20
N LEU B 315 16.41 5.63 12.07
CA LEU B 315 17.84 5.37 12.07
C LEU B 315 18.57 6.44 12.86
N HIS B 316 18.07 7.67 12.79
CA HIS B 316 18.67 8.80 13.48
C HIS B 316 18.55 8.65 15.00
N ALA B 317 17.46 8.05 15.47
CA ALA B 317 17.27 7.86 16.90
C ALA B 317 18.21 6.77 17.40
N GLN B 318 18.68 5.93 16.49
CA GLN B 318 19.63 4.90 16.85
C GLN B 318 21.05 5.43 16.80
N GLY B 319 21.19 6.73 16.53
CA GLY B 319 22.50 7.36 16.46
C GLY B 319 23.26 7.23 15.15
N ASP B 320 22.61 6.72 14.11
CA ASP B 320 23.24 6.57 12.79
C ASP B 320 23.93 7.86 12.34
N PRO B 321 25.26 7.80 12.16
CA PRO B 321 26.04 8.98 11.74
C PRO B 321 26.19 9.16 10.22
N ALA B 322 25.85 8.14 9.43
CA ALA B 322 26.06 8.22 7.98
C ALA B 322 24.93 8.92 7.24
N LEU B 323 23.88 9.32 7.96
CA LEU B 323 22.68 9.91 7.36
C LEU B 323 22.92 11.28 6.71
N SER B 324 22.36 11.48 5.52
CA SER B 324 22.40 12.79 4.88
C SER B 324 21.73 13.83 5.77
N MET B 325 22.10 15.09 5.59
CA MET B 325 21.48 16.17 6.36
C MET B 325 20.64 17.11 5.50
N SER B 326 20.41 16.74 4.25
CA SER B 326 19.59 17.58 3.36
C SER B 326 18.62 16.82 2.43
N HIS B 327 18.74 15.50 2.34
CA HIS B 327 17.92 14.73 1.40
C HIS B 327 17.44 13.40 1.95
N TRP B 328 16.24 12.98 1.51
CA TRP B 328 15.73 11.65 1.81
C TRP B 328 16.46 10.64 0.94
N MET B 329 16.46 9.37 1.35
CA MET B 329 17.19 8.37 0.58
C MET B 329 16.46 7.84 -0.66
N PHE B 330 15.89 8.76 -1.44
CA PHE B 330 15.34 8.42 -2.75
C PHE B 330 15.54 9.61 -3.70
N HIS B 331 15.33 9.41 -4.99
CA HIS B 331 15.54 10.48 -5.97
C HIS B 331 14.36 11.46 -5.96
N GLN B 332 14.49 12.53 -5.17
CA GLN B 332 13.42 13.52 -5.04
C GLN B 332 13.10 14.22 -6.37
N GLN B 333 14.13 14.66 -7.07
CA GLN B 333 13.94 15.30 -8.37
C GLN B 333 13.08 14.44 -9.32
N ALA B 334 13.49 13.19 -9.50
CA ALA B 334 12.84 12.32 -10.48
C ALA B 334 11.39 11.99 -10.11
N LEU B 335 11.08 11.89 -8.82
CA LEU B 335 9.71 11.66 -8.40
C LEU B 335 8.83 12.86 -8.75
N GLN B 336 9.27 14.07 -8.40
CA GLN B 336 8.57 15.30 -8.77
C GLN B 336 8.32 15.37 -10.28
N GLU B 337 9.31 14.98 -11.07
CA GLU B 337 9.17 15.02 -12.52
C GLU B 337 8.08 14.06 -12.99
N TYR B 338 8.05 12.85 -12.45
CA TYR B 338 7.02 11.89 -12.81
C TYR B 338 5.62 12.45 -12.51
N ILE B 339 5.44 13.00 -11.32
CA ILE B 339 4.13 13.47 -10.89
C ILE B 339 3.64 14.65 -11.71
N LEU B 340 4.50 15.65 -11.89
CA LEU B 340 4.14 16.86 -12.61
C LEU B 340 3.91 16.65 -14.11
N MET B 341 4.76 15.85 -14.76
CA MET B 341 4.64 15.60 -16.20
C MET B 341 3.63 14.52 -16.59
N CYS B 342 3.49 13.48 -15.76
CA CYS B 342 2.70 12.29 -16.11
C CYS B 342 1.40 12.08 -15.32
N CYS B 343 1.26 12.73 -14.18
CA CYS B 343 0.14 12.39 -13.30
C CYS B 343 -0.94 13.47 -13.18
N GLN B 344 -0.84 14.54 -13.97
CA GLN B 344 -1.83 15.61 -13.91
C GLN B 344 -2.82 15.51 -15.06
N CYS B 345 -4.10 15.67 -14.73
CA CYS B 345 -5.14 15.79 -15.73
C CYS B 345 -5.35 17.28 -16.02
N PRO B 346 -5.37 17.64 -17.31
CA PRO B 346 -5.48 19.05 -17.73
C PRO B 346 -6.70 19.74 -17.13
N ALA B 347 -7.81 19.01 -17.00
CA ALA B 347 -9.05 19.56 -16.48
C ALA B 347 -9.07 19.65 -14.94
N GLY B 348 -8.03 19.12 -14.30
CA GLY B 348 -7.95 19.12 -12.85
C GLY B 348 -8.05 17.74 -12.26
N GLY B 349 -7.32 17.50 -11.17
CA GLY B 349 -7.27 16.19 -10.54
C GLY B 349 -6.01 15.47 -10.99
N LEU B 350 -5.62 14.44 -10.24
CA LEU B 350 -4.42 13.65 -10.57
C LEU B 350 -4.72 12.17 -10.76
N LEU B 351 -3.73 11.41 -11.22
CA LEU B 351 -4.01 10.05 -11.64
C LEU B 351 -2.86 9.05 -11.45
N ASP B 352 -3.21 7.77 -11.60
CA ASP B 352 -2.30 6.63 -11.50
C ASP B 352 -1.15 6.75 -12.50
N LYS B 353 -1.47 6.74 -13.79
CA LYS B 353 -0.45 6.85 -14.84
C LYS B 353 -1.10 7.33 -16.15
N PRO B 354 -0.30 7.80 -17.12
CA PRO B 354 -0.90 8.29 -18.36
C PRO B 354 -1.86 7.28 -18.98
N GLY B 355 -3.01 7.76 -19.46
CA GLY B 355 -4.02 6.87 -20.01
C GLY B 355 -5.10 6.48 -18.99
N LYS B 356 -4.81 6.69 -17.71
CA LYS B 356 -5.78 6.44 -16.65
C LYS B 356 -6.58 7.69 -16.36
N SER B 357 -7.74 7.54 -15.73
CA SER B 357 -8.63 8.67 -15.48
C SER B 357 -8.50 9.19 -14.05
N ARG B 358 -8.86 10.45 -13.83
CA ARG B 358 -8.64 11.13 -12.56
C ARG B 358 -9.59 10.62 -11.49
N ASP B 359 -9.21 10.82 -10.24
CA ASP B 359 -10.06 10.44 -9.12
C ASP B 359 -9.50 11.05 -7.84
N PHE B 360 -10.32 11.10 -6.79
CA PHE B 360 -9.92 11.82 -5.60
C PHE B 360 -8.83 11.13 -4.78
N TYR B 361 -8.77 9.80 -4.85
CA TYR B 361 -7.72 9.03 -4.21
C TYR B 361 -6.34 9.41 -4.75
N HIS B 362 -6.18 9.43 -6.06
CA HIS B 362 -4.87 9.78 -6.60
C HIS B 362 -4.53 11.25 -6.45
N THR B 363 -5.56 12.08 -6.39
CA THR B 363 -5.37 13.50 -6.14
C THR B 363 -4.73 13.69 -4.77
N CYS B 364 -5.28 13.01 -3.77
CA CYS B 364 -4.77 13.09 -2.42
C CYS B 364 -3.32 12.61 -2.33
N TYR B 365 -3.05 11.39 -2.79
CA TYR B 365 -1.75 10.75 -2.58
C TYR B 365 -0.64 11.21 -3.52
N CYS B 366 -0.97 11.61 -4.74
CA CYS B 366 0.05 12.21 -5.61
C CYS B 366 0.58 13.52 -5.03
N LEU B 367 -0.32 14.37 -4.53
CA LEU B 367 0.06 15.63 -3.91
C LEU B 367 0.81 15.38 -2.61
N SER B 368 0.36 14.39 -1.84
CA SER B 368 1.03 14.04 -0.59
C SER B 368 2.48 13.66 -0.87
N GLY B 369 2.66 12.81 -1.88
CA GLY B 369 3.99 12.41 -2.32
C GLY B 369 4.83 13.56 -2.88
N LEU B 370 4.18 14.51 -3.54
CA LEU B 370 4.91 15.66 -4.08
C LEU B 370 5.51 16.47 -2.94
N SER B 371 4.71 16.66 -1.90
CA SER B 371 5.12 17.38 -0.71
C SER B 371 6.32 16.72 -0.03
N ILE B 372 6.25 15.38 0.12
CA ILE B 372 7.36 14.63 0.71
C ILE B 372 8.65 14.94 -0.06
N ALA B 373 8.55 14.96 -1.38
CA ALA B 373 9.70 15.10 -2.25
C ALA B 373 10.24 16.53 -2.30
N GLN B 374 9.39 17.49 -1.93
CA GLN B 374 9.78 18.88 -1.89
C GLN B 374 10.43 19.25 -0.55
N HIS B 375 10.01 18.61 0.53
CA HIS B 375 10.39 19.03 1.88
C HIS B 375 11.21 18.02 2.69
N PHE B 376 12.48 18.34 2.92
CA PHE B 376 13.31 17.56 3.83
C PHE B 376 13.52 18.29 5.15
N GLY B 377 13.54 17.52 6.24
CA GLY B 377 13.71 18.08 7.59
C GLY B 377 14.11 17.03 8.62
N SER B 378 15.15 17.33 9.39
CA SER B 378 15.61 16.43 10.47
C SER B 378 15.99 17.24 11.72
N GLY B 379 14.98 17.61 12.50
CA GLY B 379 15.18 18.42 13.70
C GLY B 379 15.54 19.85 13.35
N ALA B 380 16.83 20.15 13.36
CA ALA B 380 17.31 21.51 13.11
C ALA B 380 17.49 21.80 11.62
N MET B 381 17.98 20.81 10.87
CA MET B 381 18.24 20.96 9.44
C MET B 381 16.94 21.04 8.61
N LEU B 382 16.98 21.85 7.56
CA LEU B 382 15.81 22.08 6.69
C LEU B 382 16.26 22.38 5.27
N HIS B 383 15.78 21.61 4.29
CA HIS B 383 16.17 21.83 2.91
C HIS B 383 15.09 21.49 1.90
N ASP B 384 14.75 22.44 1.04
CA ASP B 384 13.73 22.24 0.01
C ASP B 384 14.30 22.00 -1.37
N VAL B 385 13.55 21.27 -2.19
CA VAL B 385 13.84 21.10 -3.60
C VAL B 385 12.51 21.22 -4.35
N VAL B 386 12.34 22.29 -5.11
CA VAL B 386 11.09 22.52 -5.83
C VAL B 386 11.32 22.57 -7.33
N MET B 387 10.89 21.54 -8.04
CA MET B 387 11.07 21.48 -9.49
C MET B 387 9.99 22.31 -10.20
N GLY B 388 10.34 22.87 -11.36
CA GLY B 388 9.42 23.72 -12.10
C GLY B 388 9.31 25.09 -11.47
N VAL B 389 8.21 25.80 -11.73
CA VAL B 389 8.03 27.13 -11.15
C VAL B 389 7.84 27.05 -9.64
N PRO B 390 8.34 28.08 -8.91
CA PRO B 390 8.34 28.13 -7.44
C PRO B 390 6.96 28.04 -6.80
N GLU B 391 5.92 28.40 -7.53
CA GLU B 391 4.55 28.34 -6.99
C GLU B 391 4.08 26.89 -6.81
N ASN B 392 4.85 25.96 -7.35
CA ASN B 392 4.57 24.54 -7.18
C ASN B 392 4.65 24.09 -5.72
N VAL B 393 5.39 24.83 -4.89
CA VAL B 393 5.63 24.42 -3.49
C VAL B 393 4.32 24.21 -2.74
N LEU B 394 4.23 23.10 -1.99
CA LEU B 394 3.00 22.76 -1.25
C LEU B 394 3.20 22.89 0.25
N GLN B 395 2.13 22.82 1.01
CA GLN B 395 2.26 22.71 2.46
C GLN B 395 2.79 21.31 2.84
N PRO B 396 3.56 21.21 3.95
CA PRO B 396 4.16 19.92 4.28
C PRO B 396 3.19 18.97 4.96
N THR B 397 3.53 17.68 5.00
CA THR B 397 2.64 16.68 5.58
C THR B 397 3.39 15.82 6.60
N HIS B 398 2.68 15.38 7.63
CA HIS B 398 3.26 14.50 8.62
C HIS B 398 3.36 13.06 8.06
N PRO B 399 4.56 12.48 8.10
CA PRO B 399 4.79 11.16 7.49
C PRO B 399 4.07 9.99 8.17
N VAL B 400 3.63 10.15 9.41
CA VAL B 400 2.91 9.07 10.10
C VAL B 400 1.40 9.10 9.87
N TYR B 401 0.81 10.29 9.94
CA TYR B 401 -0.64 10.43 9.84
C TYR B 401 -1.13 10.92 8.46
N ASN B 402 -0.24 11.47 7.66
CA ASN B 402 -0.60 12.14 6.41
C ASN B 402 -1.68 13.22 6.58
N ILE B 403 -1.55 14.00 7.65
CA ILE B 403 -2.22 15.29 7.76
C ILE B 403 -1.14 16.32 8.11
N GLY B 404 -1.50 17.59 8.15
CA GLY B 404 -0.54 18.65 8.47
C GLY B 404 0.12 18.48 9.83
N PRO B 405 1.45 18.63 9.88
CA PRO B 405 2.24 18.53 11.11
C PRO B 405 1.65 19.37 12.23
N ASP B 406 1.17 20.56 11.88
CA ASP B 406 0.53 21.46 12.83
C ASP B 406 -0.78 20.89 13.35
N LYS B 407 -1.56 20.28 12.45
CA LYS B 407 -2.85 19.70 12.81
C LYS B 407 -2.67 18.52 13.75
N VAL B 408 -1.57 17.79 13.60
CA VAL B 408 -1.22 16.71 14.51
C VAL B 408 -0.93 17.26 15.91
N ILE B 409 0.02 18.18 15.99
CA ILE B 409 0.36 18.84 17.24
C ILE B 409 -0.86 19.46 17.91
N GLN B 410 -1.66 20.21 17.16
CA GLN B 410 -2.85 20.81 17.74
C GLN B 410 -3.79 19.76 18.35
N ALA B 411 -4.06 18.68 17.60
CA ALA B 411 -4.96 17.65 18.08
C ALA B 411 -4.45 16.91 19.32
N THR B 412 -3.20 16.45 19.28
CA THR B 412 -2.66 15.67 20.41
C THR B 412 -2.73 16.49 21.68
N THR B 413 -2.25 17.73 21.60
CA THR B 413 -2.33 18.63 22.74
C THR B 413 -3.76 18.74 23.28
N HIS B 414 -4.73 18.99 22.41
CA HIS B 414 -6.09 19.14 22.89
C HIS B 414 -6.61 17.91 23.64
N PHE B 415 -6.32 16.72 23.14
CA PHE B 415 -6.85 15.51 23.75
C PHE B 415 -6.04 15.07 24.96
N LEU B 416 -4.82 15.58 25.09
CA LEU B 416 -4.06 15.32 26.31
C LEU B 416 -4.69 16.05 27.50
N GLN B 417 -5.60 16.98 27.23
CA GLN B 417 -6.35 17.67 28.28
C GLN B 417 -7.34 16.75 28.95
N LYS B 418 -7.73 15.69 28.25
CA LYS B 418 -8.68 14.73 28.79
C LYS B 418 -7.92 13.56 29.36
N PRO B 419 -8.52 12.85 30.33
CA PRO B 419 -7.86 11.65 30.82
C PRO B 419 -8.19 10.44 29.93
N VAL B 420 -7.25 9.52 29.81
CA VAL B 420 -7.52 8.25 29.14
C VAL B 420 -8.76 7.61 29.79
N PRO B 421 -9.79 7.33 28.98
CA PRO B 421 -11.04 6.74 29.47
C PRO B 421 -10.80 5.62 30.47
N GLY B 422 -11.52 5.65 31.59
CA GLY B 422 -11.31 4.72 32.69
C GLY B 422 -10.29 5.25 33.68
N PHE B 423 -9.75 6.43 33.40
CA PHE B 423 -8.73 7.07 34.23
C PHE B 423 -7.41 6.31 34.20
#